data_4NP4
#
_entry.id   4NP4
#
_cell.length_a   79.413
_cell.length_b   134.659
_cell.length_c   102.579
_cell.angle_alpha   90.00
_cell.angle_beta   112.56
_cell.angle_gamma   90.00
#
_symmetry.space_group_name_H-M   'P 1 21 1'
#
loop_
_entity.id
_entity.type
_entity.pdbx_description
1 polymer 'Toxin B'
2 polymer 'bezlotoxumab heavy chain'
3 polymer 'bezlotoxumab light chain'
4 water water
#
loop_
_entity_poly.entity_id
_entity_poly.type
_entity_poly.pdbx_seq_one_letter_code
_entity_poly.pdbx_strand_id
1 'polypeptide(L)'
;MGLIYINDSLYYFKPPVNNLITGFVTVGDDKYYFNPINGGAASIGETIIDDKNYYFNQSGVLQTGVFSTEDGFKYFAPAN
TLDENLEGEAIDFTGKLIIDENIYYFDDNYRGAVEWKELDGEMHYFSPETGKAFKGLNQIGDYKYYFNSDGVMQKGFVSI
NDNKHYFDDSGVMKVGYTEIDGKHFYFAENGEMQIGVFNTEDGFKYFAHHNEDLGNEEGEEISYSGILNFNNKIYYFDDS
FTAVVGWKDLEDGSKYYFDEDTAEAYILEHHHHHH
;
A
2 'polypeptide(L)'
;EVQLVQSGAEVKKSGESLKISCKGSGYSFTSYWIGWVRQMPGKGLEWMGIFYPGDSSTRYSPSFQGQVTISADKSVNTAY
LQWSSLKASDTAMYYCARRRNWGNAFDIWGQGTMVTVSSASTKGPSVFPLAPSSKSTSGGTAALGCLVKDYFPEPVTVSW
NSGALTSGVHTFPAVLQSSGLYSLSSVVTVPSSSLGTQTYICNVNHKPSNTKVDKRVEPKSC
;
H,I
3 'polypeptide(L)'
;EIVLTQSPGTLSLSPGERATLSCRASQSVSSSYLAWYQQKPGQAPRLLIYGASSRATGIPDRFSGSGSGTDFTLTISRLE
PEDFAVYYCQQYGSSTWTFGQGTKVEIKRTVAAPSVFIFPPSDEQLKSGTASVVCLLNNFYPREAKVQWKVDNALQSGNS
QESVTEQDSKDSTYSLSSTLTLSKADYEKHKVYACEVTHQGLSSPVTKSFNRGEC
;
L,M
#
# COMPACT_ATOMS: atom_id res chain seq x y z
N GLY A 2 -20.86 59.80 22.74
CA GLY A 2 -19.80 59.06 22.08
C GLY A 2 -19.98 57.55 22.05
N LEU A 3 -18.90 56.82 21.74
CA LEU A 3 -18.96 55.36 21.66
C LEU A 3 -18.95 54.67 23.05
N ILE A 4 -19.99 53.87 23.31
CA ILE A 4 -20.30 53.15 24.57
C ILE A 4 -20.45 51.65 24.29
N TYR A 5 -20.06 50.81 25.27
CA TYR A 5 -20.17 49.35 25.23
C TYR A 5 -21.41 48.80 25.96
N ILE A 6 -22.41 48.31 25.21
CA ILE A 6 -23.60 47.68 25.83
C ILE A 6 -23.54 46.18 25.52
N ASN A 7 -23.20 45.37 26.53
CA ASN A 7 -23.13 43.91 26.48
C ASN A 7 -22.14 43.38 25.46
N ASP A 8 -20.83 43.64 25.69
CA ASP A 8 -19.70 43.13 24.89
C ASP A 8 -19.67 43.63 23.43
N SER A 9 -20.79 44.21 22.96
CA SER A 9 -21.04 44.81 21.65
C SER A 9 -20.92 46.37 21.77
N LEU A 10 -20.34 47.04 20.76
CA LEU A 10 -20.06 48.48 20.79
C LEU A 10 -21.09 49.36 20.00
N TYR A 11 -21.49 50.50 20.61
CA TYR A 11 -22.51 51.41 20.06
C TYR A 11 -22.05 52.86 20.05
N TYR A 12 -22.82 53.76 19.41
CA TYR A 12 -22.49 55.19 19.36
C TYR A 12 -23.74 56.03 19.62
N PHE A 13 -23.65 56.99 20.57
CA PHE A 13 -24.76 57.87 20.91
C PHE A 13 -24.36 59.34 20.89
N LYS A 14 -25.28 60.20 20.44
CA LYS A 14 -25.05 61.64 20.39
C LYS A 14 -25.93 62.41 21.43
N PRO A 15 -25.47 63.65 21.79
CA PRO A 15 -26.12 64.47 22.83
C PRO A 15 -27.63 64.45 23.03
N PRO A 16 -28.55 64.40 22.03
CA PRO A 16 -29.99 64.54 22.37
C PRO A 16 -30.56 63.69 23.54
N VAL A 17 -30.20 62.37 23.71
CA VAL A 17 -30.60 61.32 24.70
C VAL A 17 -31.29 60.21 23.96
N ASN A 18 -30.80 58.98 24.16
CA ASN A 18 -31.29 57.79 23.50
C ASN A 18 -31.25 57.95 21.95
N ASN A 19 -30.37 58.85 21.48
CA ASN A 19 -30.14 59.13 20.09
C ASN A 19 -29.03 58.19 19.58
N LEU A 20 -29.41 56.92 19.29
CA LEU A 20 -28.52 55.89 18.71
C LEU A 20 -28.14 56.42 17.32
N ILE A 21 -26.86 56.28 16.91
CA ILE A 21 -26.48 56.94 15.69
C ILE A 21 -26.63 56.08 14.42
N THR A 22 -25.98 54.90 14.30
CA THR A 22 -26.07 54.00 13.09
C THR A 22 -25.39 54.58 11.77
N GLY A 23 -24.77 53.69 11.02
CA GLY A 23 -24.09 54.06 9.80
C GLY A 23 -22.63 54.33 10.05
N PHE A 24 -21.96 54.85 9.01
CA PHE A 24 -20.54 55.15 9.06
C PHE A 24 -20.27 56.37 9.91
N VAL A 25 -19.41 56.23 10.92
CA VAL A 25 -18.98 57.31 11.80
C VAL A 25 -17.46 57.25 11.94
N THR A 26 -16.82 58.41 12.08
CA THR A 26 -15.38 58.44 12.25
C THR A 26 -15.11 58.97 13.64
N VAL A 27 -14.54 58.13 14.51
CA VAL A 27 -14.19 58.51 15.88
C VAL A 27 -12.68 58.77 15.83
N GLY A 28 -12.32 60.00 15.48
CA GLY A 28 -10.94 60.43 15.35
C GLY A 28 -10.33 59.98 14.05
N ASP A 29 -9.37 59.06 14.13
CA ASP A 29 -8.70 58.56 12.94
C ASP A 29 -9.47 57.41 12.30
N ASP A 30 -9.79 56.41 13.14
CA ASP A 30 -10.48 55.20 12.73
C ASP A 30 -12.00 55.38 12.57
N LYS A 31 -12.53 54.81 11.47
CA LYS A 31 -13.94 54.80 11.03
C LYS A 31 -14.63 53.48 11.45
N TYR A 32 -15.90 53.56 11.91
CA TYR A 32 -16.73 52.44 12.35
C TYR A 32 -18.02 52.38 11.51
N TYR A 33 -18.79 51.28 11.66
CA TYR A 33 -20.09 51.18 11.01
C TYR A 33 -21.04 50.54 12.00
N PHE A 34 -22.02 51.32 12.47
CA PHE A 34 -23.01 50.89 13.45
C PHE A 34 -24.19 50.36 12.70
N ASN A 35 -24.24 49.01 12.59
CA ASN A 35 -25.20 48.27 11.80
C ASN A 35 -26.65 48.56 12.15
N PRO A 36 -27.36 49.32 11.28
CA PRO A 36 -28.78 49.65 11.58
C PRO A 36 -29.71 48.44 11.61
N ILE A 37 -29.20 47.28 11.14
CA ILE A 37 -29.91 45.99 11.15
C ILE A 37 -29.78 45.40 12.55
N ASN A 38 -28.55 45.45 13.13
CA ASN A 38 -28.23 44.85 14.42
C ASN A 38 -28.28 45.82 15.60
N GLY A 39 -29.33 46.65 15.63
CA GLY A 39 -29.57 47.62 16.68
C GLY A 39 -28.49 48.69 16.86
N GLY A 40 -27.79 49.02 15.78
CA GLY A 40 -26.72 50.01 15.79
C GLY A 40 -25.40 49.47 16.31
N ALA A 41 -25.26 48.13 16.35
CA ALA A 41 -24.03 47.52 16.84
C ALA A 41 -22.89 47.63 15.80
N ALA A 42 -21.67 47.99 16.29
CA ALA A 42 -20.49 48.13 15.44
C ALA A 42 -20.24 46.79 14.81
N SER A 43 -20.02 46.80 13.49
CA SER A 43 -19.81 45.61 12.69
C SER A 43 -18.39 45.13 12.87
N ILE A 44 -18.22 43.83 13.11
CA ILE A 44 -16.89 43.22 13.18
C ILE A 44 -16.79 42.24 11.98
N GLY A 45 -15.57 42.09 11.46
CA GLY A 45 -15.30 41.23 10.31
C GLY A 45 -15.81 41.81 9.02
N GLU A 46 -15.89 40.98 7.97
CA GLU A 46 -16.32 41.36 6.63
C GLU A 46 -17.81 41.58 6.56
N THR A 47 -18.24 42.79 6.18
CA THR A 47 -19.67 43.10 6.15
C THR A 47 -20.08 43.90 4.88
N ILE A 48 -21.29 43.59 4.35
CA ILE A 48 -21.86 44.22 3.15
C ILE A 48 -22.69 45.45 3.48
N ILE A 49 -22.34 46.59 2.86
CA ILE A 49 -23.03 47.86 3.04
C ILE A 49 -23.21 48.47 1.66
N ASP A 50 -24.49 48.59 1.19
CA ASP A 50 -24.89 49.13 -0.12
C ASP A 50 -24.18 48.33 -1.24
N ASP A 51 -24.32 46.99 -1.19
CA ASP A 51 -23.74 46.00 -2.11
C ASP A 51 -22.17 45.92 -2.12
N LYS A 52 -21.47 46.82 -1.39
CA LYS A 52 -20.01 46.85 -1.27
C LYS A 52 -19.51 46.02 -0.09
N ASN A 53 -18.28 45.44 -0.19
CA ASN A 53 -17.69 44.64 0.90
C ASN A 53 -16.62 45.44 1.64
N TYR A 54 -16.68 45.45 2.98
CA TYR A 54 -15.70 46.14 3.84
C TYR A 54 -15.27 45.18 4.95
N TYR A 55 -14.14 45.46 5.58
CA TYR A 55 -13.61 44.61 6.65
C TYR A 55 -13.30 45.47 7.82
N PHE A 56 -13.74 45.02 8.99
CA PHE A 56 -13.57 45.66 10.29
C PHE A 56 -12.79 44.75 11.25
N ASN A 57 -11.82 45.30 11.99
CA ASN A 57 -11.09 44.47 12.97
C ASN A 57 -11.97 44.03 14.15
N GLN A 58 -11.41 43.26 15.11
CA GLN A 58 -12.19 42.77 16.26
C GLN A 58 -12.77 43.89 17.12
N SER A 59 -12.24 45.12 16.95
CA SER A 59 -12.65 46.31 17.71
C SER A 59 -13.65 47.21 16.94
N GLY A 60 -14.07 46.77 15.75
CA GLY A 60 -15.06 47.46 14.93
C GLY A 60 -14.56 48.55 14.00
N VAL A 61 -13.23 48.81 13.98
CA VAL A 61 -12.67 49.85 13.11
C VAL A 61 -12.35 49.27 11.73
N LEU A 62 -12.82 50.01 10.67
CA LEU A 62 -12.64 49.72 9.23
C LEU A 62 -11.17 49.65 8.97
N GLN A 63 -10.77 48.58 8.30
CA GLN A 63 -9.38 48.29 7.97
C GLN A 63 -9.14 48.26 6.45
N THR A 64 -7.88 48.47 6.05
CA THR A 64 -7.39 48.44 4.66
C THR A 64 -6.35 47.31 4.51
N GLY A 65 -6.23 46.81 3.28
CA GLY A 65 -5.28 45.77 2.94
C GLY A 65 -5.89 44.44 2.52
N VAL A 66 -5.04 43.40 2.58
CA VAL A 66 -5.34 42.04 2.19
C VAL A 66 -5.75 41.23 3.40
N PHE A 67 -6.95 40.61 3.33
CA PHE A 67 -7.54 39.85 4.43
C PHE A 67 -8.19 38.54 3.98
N SER A 68 -8.13 37.52 4.85
CA SER A 68 -8.77 36.23 4.59
C SER A 68 -10.29 36.44 4.73
N THR A 69 -11.02 35.85 3.77
CA THR A 69 -12.47 35.94 3.60
C THR A 69 -13.00 34.55 3.31
N GLU A 70 -14.33 34.36 3.37
CA GLU A 70 -15.01 33.09 3.04
C GLU A 70 -14.73 32.68 1.58
N ASP A 71 -14.42 33.68 0.72
CA ASP A 71 -14.11 33.67 -0.72
C ASP A 71 -12.64 33.42 -1.00
N GLY A 72 -11.78 33.89 -0.09
CA GLY A 72 -10.34 33.86 -0.18
C GLY A 72 -9.75 35.20 0.20
N PHE A 73 -8.52 35.51 -0.28
CA PHE A 73 -7.88 36.77 0.05
C PHE A 73 -8.43 37.93 -0.77
N LYS A 74 -9.15 38.83 -0.09
CA LYS A 74 -9.71 40.01 -0.72
C LYS A 74 -8.83 41.22 -0.45
N TYR A 75 -8.90 42.23 -1.35
CA TYR A 75 -8.18 43.49 -1.22
C TYR A 75 -9.20 44.62 -0.90
N PHE A 76 -9.24 45.03 0.39
CA PHE A 76 -10.07 46.11 0.88
C PHE A 76 -9.16 47.29 0.73
N ALA A 77 -9.22 47.89 -0.45
CA ALA A 77 -8.37 48.95 -0.97
C ALA A 77 -8.55 50.33 -0.36
N PRO A 78 -7.48 51.16 -0.27
CA PRO A 78 -7.72 52.57 0.09
C PRO A 78 -8.55 53.27 -1.01
N ALA A 79 -9.12 54.45 -0.70
CA ALA A 79 -9.97 55.21 -1.62
C ALA A 79 -9.28 55.53 -2.96
N ASN A 80 -10.07 55.38 -4.05
CA ASN A 80 -9.74 55.65 -5.45
C ASN A 80 -8.59 54.76 -6.02
N THR A 81 -8.44 53.54 -5.48
CA THR A 81 -7.42 52.58 -5.92
C THR A 81 -7.81 51.95 -7.29
N LEU A 82 -9.10 51.76 -7.55
CA LEU A 82 -9.57 51.20 -8.81
C LEU A 82 -11.00 51.63 -8.94
N ASP A 83 -11.41 52.20 -10.11
CA ASP A 83 -12.77 52.68 -10.39
C ASP A 83 -13.40 53.48 -9.21
N GLU A 84 -12.72 54.56 -8.78
CA GLU A 84 -13.14 55.49 -7.73
C GLU A 84 -13.76 54.81 -6.51
N ASN A 85 -13.11 53.77 -5.98
CA ASN A 85 -13.62 53.05 -4.82
C ASN A 85 -13.54 53.87 -3.53
N LEU A 86 -14.35 53.49 -2.55
CA LEU A 86 -14.38 54.14 -1.23
C LEU A 86 -13.39 53.44 -0.33
N GLU A 87 -12.98 54.08 0.79
CA GLU A 87 -12.01 53.48 1.71
C GLU A 87 -12.45 52.13 2.23
N GLY A 88 -11.57 51.15 2.08
CA GLY A 88 -11.76 49.79 2.56
C GLY A 88 -12.70 48.94 1.74
N GLU A 89 -13.09 49.41 0.55
CA GLU A 89 -13.97 48.67 -0.34
C GLU A 89 -13.17 47.55 -1.01
N ALA A 90 -13.73 46.34 -1.01
CA ALA A 90 -13.12 45.22 -1.72
C ALA A 90 -13.19 45.55 -3.21
N ILE A 91 -12.04 45.63 -3.88
CA ILE A 91 -11.98 45.95 -5.31
C ILE A 91 -11.73 44.71 -6.20
N ASP A 92 -12.19 44.80 -7.47
CA ASP A 92 -12.00 43.73 -8.45
C ASP A 92 -10.62 43.89 -9.09
N PHE A 93 -9.60 43.60 -8.26
CA PHE A 93 -8.18 43.73 -8.55
C PHE A 93 -7.56 42.45 -9.08
N THR A 94 -6.56 42.60 -9.96
CA THR A 94 -5.75 41.53 -10.55
C THR A 94 -4.32 42.04 -10.67
N GLY A 95 -3.38 41.09 -10.59
CA GLY A 95 -1.95 41.36 -10.71
C GLY A 95 -1.18 41.46 -9.41
N LYS A 96 0.11 41.82 -9.53
CA LYS A 96 1.04 42.03 -8.43
C LYS A 96 0.51 43.17 -7.54
N LEU A 97 0.82 43.11 -6.24
CA LEU A 97 0.38 44.09 -5.27
C LEU A 97 1.37 44.12 -4.16
N ILE A 98 1.99 45.27 -3.96
CA ILE A 98 2.95 45.41 -2.86
C ILE A 98 2.39 46.36 -1.82
N ILE A 99 2.40 45.92 -0.57
CA ILE A 99 1.97 46.74 0.56
C ILE A 99 3.03 46.61 1.67
N ASP A 100 3.97 47.57 1.69
CA ASP A 100 5.05 47.68 2.67
C ASP A 100 5.89 46.40 2.78
N GLU A 101 6.63 46.08 1.68
CA GLU A 101 7.47 44.89 1.48
C GLU A 101 6.69 43.63 1.04
N ASN A 102 5.53 43.36 1.67
CA ASN A 102 4.66 42.22 1.41
C ASN A 102 4.18 42.27 -0.04
N ILE A 103 4.33 41.14 -0.79
CA ILE A 103 3.96 41.02 -2.20
C ILE A 103 2.90 39.97 -2.35
N TYR A 104 1.84 40.30 -3.08
CA TYR A 104 0.72 39.41 -3.33
C TYR A 104 0.47 39.40 -4.83
N TYR A 105 -0.10 38.32 -5.35
CA TYR A 105 -0.56 38.26 -6.73
C TYR A 105 -2.04 37.90 -6.68
N PHE A 106 -2.88 38.78 -7.28
CA PHE A 106 -4.31 38.60 -7.35
C PHE A 106 -4.72 37.95 -8.64
N ASP A 107 -5.18 36.70 -8.52
CA ASP A 107 -5.68 35.87 -9.63
C ASP A 107 -6.90 36.48 -10.33
N ASP A 108 -7.24 35.95 -11.50
CA ASP A 108 -8.34 36.37 -12.37
C ASP A 108 -9.70 36.50 -11.70
N ASN A 109 -9.89 35.79 -10.55
CA ASN A 109 -11.14 35.83 -9.78
C ASN A 109 -11.17 37.01 -8.76
N TYR A 110 -10.21 37.97 -8.88
CA TYR A 110 -10.04 39.16 -8.04
C TYR A 110 -9.69 38.79 -6.58
N ARG A 111 -9.04 37.62 -6.41
CA ARG A 111 -8.62 37.08 -5.13
C ARG A 111 -7.15 36.61 -5.13
N GLY A 112 -6.49 36.80 -4.01
CA GLY A 112 -5.09 36.44 -3.81
C GLY A 112 -4.79 34.98 -4.04
N ALA A 113 -3.70 34.75 -4.81
CA ALA A 113 -3.20 33.42 -5.18
C ALA A 113 -2.26 32.89 -4.10
N VAL A 114 -2.18 31.55 -4.02
CA VAL A 114 -1.28 30.84 -3.10
C VAL A 114 -0.40 29.84 -3.89
N GLU A 115 0.74 29.50 -3.31
CA GLU A 115 1.71 28.56 -3.84
C GLU A 115 2.43 29.11 -5.10
N TRP A 116 2.85 28.21 -6.03
CA TRP A 116 3.62 28.58 -7.23
C TRP A 116 2.85 29.32 -8.28
N LYS A 117 3.31 30.52 -8.57
CA LYS A 117 2.76 31.35 -9.63
C LYS A 117 3.94 31.87 -10.48
N GLU A 118 3.83 31.73 -11.82
CA GLU A 118 4.84 32.22 -12.76
C GLU A 118 4.44 33.61 -13.22
N LEU A 119 5.26 34.61 -12.88
CA LEU A 119 5.01 36.02 -13.16
C LEU A 119 6.06 36.61 -14.04
N ASP A 120 5.68 36.86 -15.29
CA ASP A 120 6.59 37.26 -16.35
C ASP A 120 7.38 35.97 -16.65
N GLY A 121 8.68 35.94 -16.43
CA GLY A 121 9.38 34.68 -16.66
C GLY A 121 9.91 34.04 -15.40
N GLU A 122 9.49 34.60 -14.25
CA GLU A 122 9.97 34.29 -12.92
C GLU A 122 9.00 33.47 -12.09
N MET A 123 9.54 32.68 -11.16
CA MET A 123 8.71 31.88 -10.29
C MET A 123 8.66 32.49 -8.94
N HIS A 124 7.45 32.55 -8.42
CA HIS A 124 7.14 33.09 -7.11
C HIS A 124 6.37 32.03 -6.31
N TYR A 125 6.52 32.04 -4.95
CA TYR A 125 5.77 31.15 -4.05
C TYR A 125 5.06 31.97 -2.99
N PHE A 126 3.74 32.09 -3.13
CA PHE A 126 2.88 32.81 -2.21
C PHE A 126 2.46 31.91 -1.07
N SER A 127 2.59 32.37 0.18
CA SER A 127 2.27 31.63 1.40
C SER A 127 0.84 31.10 1.40
N PRO A 128 0.63 29.77 1.62
CA PRO A 128 -0.74 29.24 1.72
C PRO A 128 -1.47 29.77 2.95
N GLU A 129 -0.72 30.27 3.93
CA GLU A 129 -1.25 30.82 5.17
C GLU A 129 -1.75 32.28 4.99
N THR A 130 -0.94 33.16 4.34
CA THR A 130 -1.20 34.60 4.19
C THR A 130 -1.35 35.17 2.76
N GLY A 131 -0.87 34.45 1.75
CA GLY A 131 -0.91 34.91 0.36
C GLY A 131 0.27 35.77 -0.05
N LYS A 132 1.22 35.97 0.89
CA LYS A 132 2.43 36.77 0.79
C LYS A 132 3.54 35.95 0.18
N ALA A 133 4.24 36.54 -0.82
CA ALA A 133 5.38 35.93 -1.50
C ALA A 133 6.46 35.63 -0.49
N PHE A 134 7.05 34.45 -0.63
CA PHE A 134 8.15 33.98 0.18
C PHE A 134 9.41 34.73 -0.25
N LYS A 135 10.29 35.04 0.72
CA LYS A 135 11.59 35.71 0.49
C LYS A 135 12.68 34.91 1.22
N GLY A 136 13.87 34.84 0.63
CA GLY A 136 15.01 34.11 1.19
C GLY A 136 14.83 32.60 1.06
N LEU A 137 15.67 31.82 1.77
CA LEU A 137 15.62 30.35 1.77
C LEU A 137 14.32 29.83 2.42
N ASN A 138 13.63 28.89 1.75
CA ASN A 138 12.38 28.36 2.27
C ASN A 138 12.16 26.92 1.89
N GLN A 139 11.66 26.13 2.84
CA GLN A 139 11.32 24.74 2.56
C GLN A 139 9.90 24.73 1.99
N ILE A 140 9.76 24.10 0.81
CA ILE A 140 8.47 23.96 0.11
C ILE A 140 8.41 22.49 -0.25
N GLY A 141 7.64 21.74 0.54
CA GLY A 141 7.56 20.31 0.35
C GLY A 141 8.84 19.66 0.82
N ASP A 142 9.35 18.68 0.08
CA ASP A 142 10.57 18.02 0.50
C ASP A 142 11.85 18.82 0.17
N TYR A 143 11.72 19.92 -0.58
CA TYR A 143 12.90 20.67 -1.02
C TYR A 143 12.94 22.09 -0.55
N LYS A 144 14.16 22.67 -0.64
CA LYS A 144 14.46 24.03 -0.27
C LYS A 144 14.78 24.89 -1.50
N TYR A 145 14.25 26.12 -1.49
CA TYR A 145 14.39 27.07 -2.59
C TYR A 145 14.80 28.43 -2.06
N TYR A 146 15.52 29.21 -2.88
CA TYR A 146 15.86 30.56 -2.50
C TYR A 146 15.11 31.54 -3.37
N PHE A 147 14.54 32.55 -2.69
CA PHE A 147 13.84 33.62 -3.35
C PHE A 147 14.48 34.97 -2.98
N ASN A 148 14.51 35.90 -3.94
CA ASN A 148 14.97 37.30 -3.87
C ASN A 148 14.31 38.07 -2.75
N SER A 149 14.67 39.35 -2.65
CA SER A 149 14.04 40.35 -1.80
C SER A 149 12.67 40.69 -2.44
N ASP A 150 12.55 40.43 -3.78
CA ASP A 150 11.36 40.62 -4.62
C ASP A 150 10.53 39.35 -4.76
N GLY A 151 11.00 38.25 -4.18
CA GLY A 151 10.30 36.96 -4.22
C GLY A 151 10.48 36.18 -5.50
N VAL A 152 11.56 36.42 -6.24
CA VAL A 152 11.85 35.72 -7.48
C VAL A 152 12.70 34.53 -7.11
N MET A 153 12.31 33.34 -7.58
CA MET A 153 13.08 32.14 -7.31
C MET A 153 14.41 32.16 -8.05
N GLN A 154 15.49 31.82 -7.33
CA GLN A 154 16.86 31.87 -7.81
C GLN A 154 17.42 30.51 -8.26
N LYS A 155 18.25 30.52 -9.29
CA LYS A 155 18.88 29.34 -9.91
C LYS A 155 20.37 29.66 -9.98
N GLY A 156 21.21 28.66 -9.64
CA GLY A 156 22.66 28.75 -9.61
C GLY A 156 23.18 28.89 -8.21
N PHE A 157 24.39 29.38 -8.07
CA PHE A 157 25.08 29.57 -6.79
C PHE A 157 24.59 30.85 -6.12
N VAL A 158 24.24 30.75 -4.84
CA VAL A 158 23.73 31.86 -4.03
C VAL A 158 24.58 31.89 -2.75
N SER A 159 24.99 33.10 -2.32
CA SER A 159 25.70 33.29 -1.08
C SER A 159 24.64 33.66 -0.06
N ILE A 160 24.46 32.77 0.93
CA ILE A 160 23.50 32.93 2.02
C ILE A 160 24.34 32.79 3.30
N ASN A 161 24.34 33.87 4.14
CA ASN A 161 25.08 33.96 5.40
C ASN A 161 26.55 33.58 5.27
N ASP A 162 27.19 34.08 4.19
CA ASP A 162 28.60 33.84 3.87
C ASP A 162 28.93 32.33 3.66
N ASN A 163 27.99 31.60 3.04
CA ASN A 163 28.11 30.19 2.66
C ASN A 163 27.49 30.06 1.28
N LYS A 164 28.02 29.13 0.46
CA LYS A 164 27.50 28.91 -0.89
C LYS A 164 26.53 27.75 -0.97
N HIS A 165 25.34 28.00 -1.56
CA HIS A 165 24.26 27.03 -1.80
C HIS A 165 24.04 26.91 -3.30
N TYR A 166 23.48 25.79 -3.76
CA TYR A 166 23.27 25.65 -5.20
C TYR A 166 21.86 25.22 -5.49
N PHE A 167 21.20 25.98 -6.37
CA PHE A 167 19.82 25.73 -6.75
C PHE A 167 19.82 25.36 -8.21
N ASP A 168 19.32 24.16 -8.54
CA ASP A 168 19.32 23.61 -9.89
C ASP A 168 18.37 24.34 -10.83
N ASP A 169 18.13 23.79 -12.05
CA ASP A 169 17.27 24.43 -13.01
C ASP A 169 15.81 24.51 -12.60
N SER A 170 15.47 23.92 -11.45
CA SER A 170 14.12 23.90 -10.94
C SER A 170 14.02 24.70 -9.66
N GLY A 171 15.16 25.25 -9.23
CA GLY A 171 15.32 26.05 -8.02
C GLY A 171 15.60 25.23 -6.77
N VAL A 172 15.69 23.88 -6.87
CA VAL A 172 15.88 23.04 -5.70
C VAL A 172 17.35 23.04 -5.27
N MET A 173 17.50 23.18 -3.96
CA MET A 173 18.69 23.38 -3.16
C MET A 173 19.87 22.43 -3.30
N LYS A 174 19.77 21.21 -3.84
CA LYS A 174 20.94 20.32 -4.06
C LYS A 174 21.88 20.09 -2.85
N VAL A 175 21.79 18.91 -2.24
CA VAL A 175 22.59 18.50 -1.09
C VAL A 175 23.41 17.23 -1.45
N GLY A 176 24.58 17.08 -0.85
CA GLY A 176 25.45 15.96 -1.12
C GLY A 176 26.32 16.20 -2.34
N TYR A 177 26.85 15.11 -2.94
CA TYR A 177 27.74 15.07 -4.10
C TYR A 177 26.93 15.32 -5.34
N THR A 178 27.10 16.52 -5.92
CA THR A 178 26.37 17.05 -7.07
C THR A 178 27.26 17.27 -8.29
N GLU A 179 26.78 16.90 -9.50
CA GLU A 179 27.43 17.17 -10.80
C GLU A 179 26.82 18.46 -11.34
N ILE A 180 27.63 19.53 -11.48
CA ILE A 180 27.21 20.83 -12.01
C ILE A 180 28.00 21.12 -13.32
N ASP A 181 27.37 20.72 -14.44
CA ASP A 181 27.84 20.84 -15.81
C ASP A 181 29.27 20.27 -16.03
N GLY A 182 29.44 19.01 -15.66
CA GLY A 182 30.70 18.29 -15.80
C GLY A 182 31.69 18.43 -14.66
N LYS A 183 31.40 19.29 -13.69
CA LYS A 183 32.24 19.49 -12.52
C LYS A 183 31.47 18.91 -11.35
N HIS A 184 32.18 18.43 -10.29
CA HIS A 184 31.53 17.88 -9.10
C HIS A 184 31.83 18.70 -7.88
N PHE A 185 30.83 18.85 -6.99
CA PHE A 185 30.93 19.65 -5.77
C PHE A 185 30.24 18.91 -4.61
N TYR A 186 30.47 19.33 -3.37
CA TYR A 186 29.84 18.68 -2.25
C TYR A 186 29.13 19.68 -1.34
N PHE A 187 27.82 19.49 -1.15
CA PHE A 187 27.01 20.32 -0.28
C PHE A 187 26.62 19.56 0.98
N ALA A 188 26.66 20.23 2.17
CA ALA A 188 26.27 19.64 3.46
C ALA A 188 24.76 19.35 3.44
N GLU A 189 24.14 18.71 4.48
CA GLU A 189 22.72 18.42 4.33
C GLU A 189 21.84 19.65 4.55
N ASN A 190 22.45 20.77 4.86
CA ASN A 190 21.76 22.05 4.99
C ASN A 190 21.94 22.88 3.70
N GLY A 191 22.73 22.36 2.76
CA GLY A 191 22.99 22.97 1.47
C GLY A 191 24.33 23.62 1.26
N GLU A 192 25.04 23.96 2.37
CA GLU A 192 26.33 24.65 2.43
C GLU A 192 27.47 23.90 1.77
N MET A 193 28.05 24.48 0.73
CA MET A 193 29.18 23.91 -0.01
C MET A 193 30.40 23.78 0.90
N GLN A 194 30.99 22.57 0.91
CA GLN A 194 32.11 22.21 1.75
C GLN A 194 33.40 21.96 0.97
N ILE A 195 34.54 22.15 1.68
CA ILE A 195 35.89 21.86 1.23
C ILE A 195 36.46 20.84 2.22
N GLY A 196 36.98 19.75 1.67
CA GLY A 196 37.54 18.66 2.45
C GLY A 196 37.21 17.32 1.83
N VAL A 197 37.41 16.21 2.58
CA VAL A 197 37.10 14.91 2.00
C VAL A 197 35.83 14.39 2.64
N PHE A 198 34.87 14.01 1.78
CA PHE A 198 33.56 13.57 2.24
C PHE A 198 33.15 12.28 1.57
N ASN A 199 32.16 11.59 2.17
CA ASN A 199 31.61 10.31 1.75
C ASN A 199 30.58 10.45 0.63
N THR A 200 31.06 10.14 -0.54
CA THR A 200 30.40 10.21 -1.82
C THR A 200 29.98 8.78 -2.18
N GLU A 201 28.97 8.62 -3.07
CA GLU A 201 28.56 7.30 -3.52
C GLU A 201 29.76 6.52 -4.03
N ASP A 202 30.73 7.20 -4.65
CA ASP A 202 31.96 6.59 -5.20
C ASP A 202 33.01 6.25 -4.12
N GLY A 203 32.84 6.84 -2.93
CA GLY A 203 33.74 6.69 -1.79
C GLY A 203 34.20 8.03 -1.24
N PHE A 204 35.34 8.07 -0.54
CA PHE A 204 35.84 9.34 -0.03
C PHE A 204 36.54 10.17 -1.12
N LYS A 205 36.04 11.38 -1.39
CA LYS A 205 36.57 12.26 -2.44
C LYS A 205 36.96 13.64 -1.91
N TYR A 206 37.94 14.27 -2.57
CA TYR A 206 38.47 15.57 -2.18
C TYR A 206 37.90 16.72 -3.00
N PHE A 207 37.32 17.70 -2.30
CA PHE A 207 36.67 18.91 -2.79
C PHE A 207 37.55 20.02 -2.32
N ALA A 208 38.46 20.43 -3.19
CA ALA A 208 39.54 21.34 -2.85
C ALA A 208 39.25 22.81 -3.04
N HIS A 209 40.04 23.63 -2.29
CA HIS A 209 40.04 25.10 -2.41
C HIS A 209 40.66 25.39 -3.76
N HIS A 210 40.35 26.55 -4.33
CA HIS A 210 40.95 26.94 -5.60
C HIS A 210 42.47 27.03 -5.43
N ASN A 211 43.19 26.37 -6.33
CA ASN A 211 44.64 26.42 -6.38
C ASN A 211 44.94 27.23 -7.65
N GLU A 212 45.90 28.21 -7.55
CA GLU A 212 46.28 29.11 -8.69
C GLU A 212 46.81 28.32 -9.91
N ASP A 213 47.51 27.20 -9.64
CA ASP A 213 47.97 26.19 -10.60
C ASP A 213 46.80 25.17 -10.57
N LEU A 214 46.78 24.12 -11.41
CA LEU A 214 45.65 23.16 -11.44
C LEU A 214 44.45 23.76 -12.19
N GLY A 215 43.96 24.92 -11.71
CA GLY A 215 42.85 25.67 -12.29
C GLY A 215 41.46 25.20 -11.89
N ASN A 216 41.35 24.58 -10.70
CA ASN A 216 40.09 24.06 -10.15
C ASN A 216 39.26 25.18 -9.56
N GLU A 217 37.95 25.07 -9.69
CA GLU A 217 37.01 26.02 -9.12
C GLU A 217 36.91 25.78 -7.58
N GLU A 218 36.42 26.76 -6.78
CA GLU A 218 36.26 26.56 -5.34
C GLU A 218 35.38 25.36 -5.12
N GLY A 219 35.76 24.50 -4.17
CA GLY A 219 35.02 23.31 -3.77
C GLY A 219 34.77 22.26 -4.84
N GLU A 220 35.45 22.35 -5.96
CA GLU A 220 35.36 21.41 -7.09
C GLU A 220 36.15 20.13 -6.72
N GLU A 221 35.57 18.92 -7.03
CA GLU A 221 36.17 17.59 -6.82
C GLU A 221 37.47 17.50 -7.59
N ILE A 222 38.59 17.24 -6.92
CA ILE A 222 39.83 17.20 -7.67
C ILE A 222 40.31 15.77 -7.73
N SER A 223 40.70 15.30 -8.92
CA SER A 223 41.21 13.95 -9.19
C SER A 223 42.63 13.77 -8.59
N TYR A 224 42.62 13.71 -7.25
CA TYR A 224 43.78 13.58 -6.39
C TYR A 224 44.22 12.16 -6.31
N SER A 225 45.54 11.98 -6.17
CA SER A 225 46.19 10.69 -5.99
C SER A 225 47.44 10.90 -5.14
N GLY A 226 47.69 9.97 -4.22
CA GLY A 226 48.80 10.05 -3.31
C GLY A 226 48.35 10.54 -1.96
N ILE A 227 49.29 10.82 -1.04
CA ILE A 227 48.86 11.25 0.28
C ILE A 227 48.39 12.69 0.22
N LEU A 228 47.32 12.99 1.00
CA LEU A 228 46.76 14.32 1.15
C LEU A 228 46.87 14.70 2.63
N ASN A 229 47.41 15.87 2.90
CA ASN A 229 47.49 16.35 4.27
C ASN A 229 46.60 17.55 4.32
N PHE A 230 45.42 17.40 4.93
CA PHE A 230 44.40 18.45 4.95
C PHE A 230 43.76 18.59 6.30
N ASN A 231 43.65 19.83 6.82
CA ASN A 231 43.02 20.18 8.10
C ASN A 231 43.51 19.28 9.26
N ASN A 232 44.85 19.13 9.34
CA ASN A 232 45.52 18.33 10.37
C ASN A 232 45.15 16.80 10.27
N LYS A 233 44.68 16.35 9.07
CA LYS A 233 44.26 14.97 8.79
C LYS A 233 45.09 14.42 7.62
N ILE A 234 45.33 13.10 7.60
CA ILE A 234 46.12 12.45 6.54
C ILE A 234 45.27 11.40 5.83
N TYR A 235 45.29 11.46 4.51
CA TYR A 235 44.50 10.60 3.63
C TYR A 235 45.42 10.09 2.56
N TYR A 236 45.06 9.00 1.92
CA TYR A 236 45.83 8.52 0.80
C TYR A 236 44.79 8.21 -0.22
N PHE A 237 45.01 8.69 -1.45
CA PHE A 237 44.10 8.46 -2.54
C PHE A 237 44.75 7.58 -3.60
N ASP A 238 44.04 6.57 -4.11
CA ASP A 238 44.55 5.71 -5.18
C ASP A 238 44.10 6.25 -6.55
N ASP A 239 44.34 5.52 -7.63
CA ASP A 239 44.00 5.88 -9.01
C ASP A 239 42.49 5.98 -9.25
N SER A 240 41.70 5.73 -8.19
CA SER A 240 40.25 5.79 -8.18
C SER A 240 39.87 7.22 -7.83
N PHE A 241 40.88 7.99 -7.35
CA PHE A 241 40.80 9.36 -6.83
C PHE A 241 39.81 9.38 -5.66
N THR A 242 39.88 8.29 -4.84
CA THR A 242 39.08 8.05 -3.64
C THR A 242 40.03 7.66 -2.57
N ALA A 243 39.73 8.02 -1.33
CA ALA A 243 40.57 7.62 -0.19
C ALA A 243 40.37 6.15 0.20
N VAL A 244 41.51 5.53 0.57
CA VAL A 244 41.67 4.13 1.00
C VAL A 244 41.44 3.96 2.52
N VAL A 245 40.94 2.79 2.92
CA VAL A 245 40.69 2.43 4.31
C VAL A 245 41.50 1.17 4.73
N GLY A 246 41.73 1.00 6.04
CA GLY A 246 42.50 -0.10 6.60
C GLY A 246 44.00 0.08 6.51
N TRP A 247 44.74 -1.04 6.48
CA TRP A 247 46.21 -1.00 6.41
C TRP A 247 46.71 -0.75 5.02
N LYS A 248 47.67 0.19 4.90
CA LYS A 248 48.30 0.51 3.62
C LYS A 248 49.75 0.85 3.86
N ASP A 249 50.62 0.08 3.22
CA ASP A 249 52.08 0.33 3.26
C ASP A 249 52.51 0.81 1.89
N LEU A 250 53.25 1.92 1.86
CA LEU A 250 53.75 2.54 0.63
C LEU A 250 55.26 2.31 0.53
N GLU A 251 55.78 2.06 -0.70
CA GLU A 251 57.21 1.81 -0.98
C GLU A 251 58.17 2.79 -0.33
N ASP A 252 57.69 3.97 0.04
CA ASP A 252 58.47 4.99 0.73
C ASP A 252 58.87 4.52 2.20
N GLY A 253 58.46 3.30 2.55
CA GLY A 253 58.70 2.65 3.84
C GLY A 253 57.42 2.58 4.67
N SER A 254 56.85 3.78 4.92
CA SER A 254 55.63 4.11 5.67
C SER A 254 54.48 3.10 5.58
N LYS A 255 53.95 2.73 6.76
CA LYS A 255 52.83 1.83 6.96
C LYS A 255 51.79 2.68 7.68
N TYR A 256 50.61 2.78 7.09
CA TYR A 256 49.48 3.58 7.58
C TYR A 256 48.28 2.71 7.91
N TYR A 257 47.46 3.21 8.86
CA TYR A 257 46.17 2.62 9.14
C TYR A 257 45.17 3.73 9.01
N PHE A 258 44.31 3.63 7.97
CA PHE A 258 43.30 4.64 7.67
C PHE A 258 41.96 4.21 8.18
N ASP A 259 41.43 4.97 9.12
CA ASP A 259 40.18 4.67 9.83
C ASP A 259 39.08 4.23 8.90
N GLU A 260 38.48 3.08 9.17
CA GLU A 260 37.40 2.54 8.33
C GLU A 260 36.21 3.51 8.15
N ASP A 261 35.89 4.33 9.19
CA ASP A 261 34.73 5.24 9.17
C ASP A 261 34.96 6.56 8.47
N THR A 262 36.16 7.13 8.67
CA THR A 262 36.52 8.47 8.22
C THR A 262 37.55 8.54 7.12
N ALA A 263 38.26 7.42 6.90
CA ALA A 263 39.35 7.23 5.94
C ALA A 263 40.57 8.04 6.25
N GLU A 264 40.67 8.61 7.50
CA GLU A 264 41.80 9.40 8.03
C GLU A 264 42.84 8.50 8.67
N ALA A 265 44.15 8.87 8.57
CA ALA A 265 45.25 8.12 9.18
C ALA A 265 45.20 8.28 10.68
N TYR A 266 45.23 7.12 11.38
CA TYR A 266 45.20 6.99 12.83
C TYR A 266 46.52 6.51 13.38
N ILE A 267 47.29 5.72 12.54
CA ILE A 267 48.59 5.10 12.81
C ILE A 267 49.51 5.34 11.60
N LEU A 268 50.81 5.64 11.86
CA LEU A 268 51.88 5.81 10.87
C LEU A 268 53.27 5.33 11.40
N GLU A 269 53.65 4.12 10.98
CA GLU A 269 54.93 3.47 11.28
C GLU A 269 55.87 3.71 10.09
N HIS A 270 57.03 4.36 10.31
CA HIS A 270 58.06 4.61 9.29
C HIS A 270 58.98 3.38 9.23
N HIS A 271 59.14 2.77 8.05
CA HIS A 271 59.99 1.59 7.85
C HIS A 271 61.13 1.90 6.84
N HIS A 272 61.47 0.94 5.93
CA HIS A 272 62.50 1.08 4.89
C HIS A 272 62.17 0.20 3.66
N GLU B 1 30.05 -7.70 17.44
CA GLU B 1 30.25 -7.84 16.00
C GLU B 1 29.39 -6.86 15.17
N VAL B 2 29.83 -6.61 13.93
CA VAL B 2 29.08 -5.74 13.02
C VAL B 2 27.96 -6.60 12.46
N GLN B 3 26.71 -6.13 12.60
CA GLN B 3 25.57 -6.89 12.09
C GLN B 3 24.39 -6.03 11.74
N LEU B 4 23.63 -6.44 10.69
CA LEU B 4 22.40 -5.78 10.26
C LEU B 4 21.28 -6.81 10.48
N VAL B 5 20.30 -6.47 11.32
CA VAL B 5 19.20 -7.37 11.66
C VAL B 5 17.91 -6.85 11.06
N GLN B 6 17.26 -7.65 10.23
CA GLN B 6 16.04 -7.20 9.57
C GLN B 6 14.74 -7.68 10.21
N SER B 7 13.65 -6.97 9.88
CA SER B 7 12.32 -7.29 10.35
C SER B 7 11.85 -8.65 9.78
N GLY B 8 10.90 -9.28 10.45
CA GLY B 8 10.36 -10.59 10.09
C GLY B 8 9.67 -10.62 8.75
N ALA B 9 9.34 -11.86 8.33
CA ALA B 9 8.66 -12.15 7.07
C ALA B 9 7.30 -11.47 7.00
N GLU B 10 6.97 -10.89 5.85
CA GLU B 10 5.72 -10.19 5.65
C GLU B 10 4.82 -10.85 4.61
N VAL B 11 3.56 -11.07 4.98
CA VAL B 11 2.54 -11.61 4.08
C VAL B 11 1.46 -10.54 4.03
N LYS B 12 1.35 -9.88 2.86
CA LYS B 12 0.48 -8.74 2.64
C LYS B 12 -0.48 -8.98 1.52
N LYS B 13 -1.57 -8.19 1.50
CA LYS B 13 -2.59 -8.20 0.45
C LYS B 13 -2.16 -7.12 -0.53
N SER B 14 -2.38 -7.32 -1.84
CA SER B 14 -2.01 -6.32 -2.87
C SER B 14 -2.64 -4.96 -2.52
N GLY B 15 -2.04 -3.88 -3.01
CA GLY B 15 -2.53 -2.53 -2.74
C GLY B 15 -2.24 -1.96 -1.36
N GLU B 16 -1.86 -2.82 -0.37
CA GLU B 16 -1.50 -2.42 1.01
C GLU B 16 -0.15 -1.65 1.01
N SER B 17 0.23 -1.08 2.15
CA SER B 17 1.52 -0.41 2.25
C SER B 17 2.40 -1.09 3.29
N LEU B 18 3.71 -1.19 3.00
CA LEU B 18 4.66 -1.91 3.86
C LEU B 18 5.91 -1.07 4.07
N LYS B 19 6.46 -1.12 5.29
CA LYS B 19 7.70 -0.45 5.73
C LYS B 19 8.49 -1.52 6.40
N ILE B 20 9.65 -1.82 5.80
CA ILE B 20 10.52 -2.87 6.27
C ILE B 20 11.80 -2.26 6.83
N SER B 21 12.25 -2.79 7.96
CA SER B 21 13.39 -2.25 8.69
C SER B 21 14.64 -3.14 8.63
N CYS B 22 15.78 -2.54 9.03
CA CYS B 22 17.13 -3.10 9.01
C CYS B 22 17.92 -2.33 10.08
N LYS B 23 18.13 -2.97 11.24
CA LYS B 23 18.85 -2.38 12.36
C LYS B 23 20.35 -2.70 12.37
N GLY B 24 21.15 -1.65 12.27
CA GLY B 24 22.59 -1.76 12.32
C GLY B 24 23.12 -1.64 13.74
N SER B 25 24.13 -2.48 14.04
CA SER B 25 24.80 -2.56 15.34
C SER B 25 26.27 -2.98 15.21
N GLY B 26 27.10 -2.54 16.16
CA GLY B 26 28.52 -2.90 16.19
C GLY B 26 29.44 -1.95 15.45
N TYR B 27 28.85 -0.92 14.81
CA TYR B 27 29.59 0.05 14.02
C TYR B 27 28.94 1.45 14.11
N SER B 28 29.63 2.47 13.57
CA SER B 28 29.13 3.85 13.51
C SER B 28 28.11 3.99 12.34
N PHE B 29 26.83 3.94 12.66
CA PHE B 29 25.76 3.95 11.69
C PHE B 29 25.80 5.10 10.66
N THR B 30 26.16 6.32 11.11
CA THR B 30 26.21 7.53 10.27
C THR B 30 27.47 7.66 9.42
N SER B 31 28.41 6.69 9.49
CA SER B 31 29.67 6.72 8.76
C SER B 31 29.68 5.81 7.54
N TYR B 32 28.57 5.07 7.34
CA TYR B 32 28.45 4.07 6.28
C TYR B 32 27.19 4.18 5.51
N TRP B 33 27.28 3.93 4.21
CA TRP B 33 26.10 3.88 3.36
C TRP B 33 25.47 2.53 3.60
N ILE B 34 24.15 2.46 3.49
CA ILE B 34 23.39 1.24 3.66
C ILE B 34 22.45 1.10 2.44
N GLY B 35 22.53 -0.05 1.76
CA GLY B 35 21.79 -0.32 0.54
C GLY B 35 20.76 -1.43 0.60
N TRP B 36 19.84 -1.45 -0.39
CA TRP B 36 18.75 -2.43 -0.50
C TRP B 36 18.85 -3.19 -1.82
N VAL B 37 18.89 -4.53 -1.73
CA VAL B 37 19.00 -5.47 -2.83
C VAL B 37 17.78 -6.39 -2.82
N ARG B 38 17.17 -6.56 -4.01
CA ARG B 38 16.02 -7.43 -4.24
C ARG B 38 16.48 -8.71 -4.92
N GLN B 39 15.92 -9.84 -4.45
CA GLN B 39 16.15 -11.13 -5.03
C GLN B 39 14.82 -11.86 -5.18
N MET B 40 14.27 -11.79 -6.38
CA MET B 40 13.01 -12.46 -6.72
C MET B 40 13.10 -13.99 -6.59
N PRO B 41 12.00 -14.71 -6.30
CA PRO B 41 12.11 -16.18 -6.17
C PRO B 41 12.78 -16.87 -7.35
N GLY B 42 13.83 -17.60 -6.99
CA GLY B 42 14.70 -18.35 -7.91
C GLY B 42 15.49 -17.53 -8.92
N LYS B 43 15.75 -16.26 -8.59
CA LYS B 43 16.47 -15.33 -9.46
C LYS B 43 17.71 -14.78 -8.74
N GLY B 44 18.43 -13.91 -9.43
CA GLY B 44 19.65 -13.26 -8.94
C GLY B 44 19.41 -12.02 -8.10
N LEU B 45 20.44 -11.18 -7.99
CA LEU B 45 20.40 -9.97 -7.18
C LEU B 45 20.21 -8.71 -8.01
N GLU B 46 19.33 -7.80 -7.52
CA GLU B 46 19.03 -6.54 -8.16
C GLU B 46 19.27 -5.42 -7.17
N TRP B 47 20.15 -4.45 -7.51
CA TRP B 47 20.33 -3.31 -6.61
C TRP B 47 19.14 -2.30 -6.78
N MET B 48 18.53 -1.90 -5.64
CA MET B 48 17.39 -0.99 -5.57
C MET B 48 17.82 0.44 -5.31
N GLY B 49 18.56 0.66 -4.21
CA GLY B 49 19.06 1.96 -3.78
C GLY B 49 19.98 1.89 -2.59
N ILE B 50 20.63 3.04 -2.25
CA ILE B 50 21.55 3.22 -1.09
C ILE B 50 21.11 4.47 -0.37
N PHE B 51 21.55 4.59 0.87
CA PHE B 51 21.29 5.74 1.70
C PHE B 51 22.54 6.07 2.54
N TYR B 52 22.96 7.35 2.62
CA TYR B 52 24.06 7.73 3.51
C TYR B 52 23.44 8.32 4.78
N PRO B 53 23.47 7.70 5.98
CA PRO B 53 22.79 8.30 7.14
C PRO B 53 23.42 9.59 7.67
N GLY B 54 24.70 9.80 7.42
CA GLY B 54 25.36 11.00 7.93
C GLY B 54 25.04 12.28 7.22
N ASP B 55 24.42 12.18 6.04
CA ASP B 55 24.14 13.21 5.05
C ASP B 55 22.66 13.19 4.64
N SER B 56 21.98 12.05 4.87
CA SER B 56 20.62 11.73 4.49
C SER B 56 20.45 11.70 2.95
N SER B 57 21.58 11.61 2.19
CA SER B 57 21.50 11.49 0.73
C SER B 57 21.13 10.08 0.32
N THR B 58 20.24 10.00 -0.65
CA THR B 58 19.75 8.74 -1.17
C THR B 58 19.93 8.77 -2.69
N ARG B 59 20.16 7.61 -3.30
CA ARG B 59 20.31 7.43 -4.76
C ARG B 59 19.70 6.07 -5.11
N TYR B 60 18.85 6.02 -6.16
CA TYR B 60 18.12 4.84 -6.56
C TYR B 60 18.54 4.30 -7.87
N SER B 61 18.13 3.07 -8.16
CA SER B 61 18.33 2.46 -9.45
C SER B 61 17.20 3.04 -10.30
N PRO B 62 17.45 3.51 -11.54
CA PRO B 62 16.34 4.05 -12.35
C PRO B 62 15.09 3.14 -12.42
N SER B 63 15.29 1.82 -12.31
CA SER B 63 14.23 0.82 -12.31
C SER B 63 13.39 0.79 -10.99
N PHE B 64 13.90 1.38 -9.90
CA PHE B 64 13.22 1.45 -8.59
C PHE B 64 12.84 2.90 -8.19
N GLN B 65 13.34 3.89 -8.96
CA GLN B 65 13.09 5.31 -8.79
C GLN B 65 11.57 5.55 -8.87
N GLY B 66 11.00 6.01 -7.75
CA GLY B 66 9.57 6.29 -7.65
C GLY B 66 8.74 5.20 -7.02
N GLN B 67 9.01 3.92 -7.38
CA GLN B 67 8.31 2.72 -6.90
C GLN B 67 8.49 2.41 -5.41
N VAL B 68 9.58 2.94 -4.81
CA VAL B 68 9.95 2.68 -3.41
C VAL B 68 10.66 3.91 -2.82
N THR B 69 10.76 4.02 -1.47
CA THR B 69 11.54 5.12 -0.84
C THR B 69 12.37 4.57 0.33
N ILE B 70 13.66 4.99 0.41
CA ILE B 70 14.60 4.61 1.46
C ILE B 70 14.80 5.78 2.45
N SER B 71 14.83 5.47 3.75
CA SER B 71 14.94 6.42 4.86
C SER B 71 15.70 5.75 6.01
N ALA B 72 15.97 6.49 7.13
CA ALA B 72 16.68 5.92 8.26
C ALA B 72 16.30 6.49 9.67
N ASP B 73 17.01 5.97 10.74
CA ASP B 73 16.97 6.08 12.21
C ASP B 73 16.28 7.25 12.73
N LYS B 74 15.46 7.00 13.76
CA LYS B 74 14.87 8.10 14.51
C LYS B 74 15.76 8.33 15.81
N SER B 75 17.07 7.90 15.73
CA SER B 75 18.19 7.83 16.69
C SER B 75 18.73 6.41 16.70
N VAL B 76 17.80 5.46 16.50
CA VAL B 76 17.80 3.99 16.60
C VAL B 76 18.63 3.19 15.56
N ASN B 77 19.61 3.79 14.85
CA ASN B 77 20.49 3.04 13.90
C ASN B 77 19.67 2.08 12.99
N THR B 78 18.57 2.56 12.38
CA THR B 78 17.70 1.72 11.58
C THR B 78 17.44 2.25 10.20
N ALA B 79 17.59 1.39 9.16
CA ALA B 79 17.28 1.80 7.80
C ALA B 79 15.91 1.23 7.41
N TYR B 80 15.17 1.98 6.58
CA TYR B 80 13.84 1.57 6.13
C TYR B 80 13.68 1.52 4.60
N LEU B 81 12.89 0.54 4.13
CA LEU B 81 12.47 0.39 2.75
C LEU B 81 10.95 0.36 2.77
N GLN B 82 10.29 1.26 2.04
CA GLN B 82 8.83 1.31 2.07
C GLN B 82 8.17 1.52 0.69
N TRP B 83 6.97 0.93 0.56
CA TRP B 83 6.11 0.99 -0.62
C TRP B 83 4.77 1.60 -0.21
N SER B 84 4.24 2.43 -1.09
CA SER B 84 2.91 3.00 -0.95
C SER B 84 2.17 2.27 -2.07
N SER B 85 1.38 1.23 -1.69
CA SER B 85 0.63 0.31 -2.58
C SER B 85 1.53 -0.75 -3.30
N LEU B 86 1.66 -1.93 -2.62
CA LEU B 86 2.38 -3.14 -3.05
C LEU B 86 1.66 -3.83 -4.21
N LYS B 87 2.44 -4.59 -5.01
CA LYS B 87 1.94 -5.40 -6.14
C LYS B 87 2.31 -6.86 -5.84
N ALA B 88 1.69 -7.84 -6.50
CA ALA B 88 2.11 -9.24 -6.31
C ALA B 88 3.55 -9.39 -6.87
N SER B 89 3.87 -8.64 -7.96
CA SER B 89 5.18 -8.60 -8.62
C SER B 89 6.33 -8.12 -7.67
N ASP B 90 5.99 -7.72 -6.44
CA ASP B 90 6.93 -7.28 -5.41
C ASP B 90 7.26 -8.43 -4.46
N THR B 91 6.64 -9.63 -4.67
CA THR B 91 6.92 -10.85 -3.88
C THR B 91 8.39 -11.24 -4.20
N ALA B 92 9.32 -10.95 -3.25
CA ALA B 92 10.77 -11.16 -3.34
C ALA B 92 11.45 -11.10 -1.98
N MET B 93 12.74 -11.49 -1.93
CA MET B 93 13.57 -11.40 -0.73
C MET B 93 14.24 -10.08 -0.78
N TYR B 94 14.24 -9.38 0.36
CA TYR B 94 14.84 -8.06 0.42
C TYR B 94 15.94 -8.07 1.43
N TYR B 95 17.13 -7.70 0.94
CA TYR B 95 18.34 -7.64 1.74
C TYR B 95 18.81 -6.19 1.88
N CYS B 96 19.32 -5.84 3.06
CA CYS B 96 19.98 -4.57 3.27
C CYS B 96 21.42 -4.98 3.56
N ALA B 97 22.35 -4.24 3.02
CA ALA B 97 23.76 -4.48 3.22
C ALA B 97 24.41 -3.14 3.48
N ARG B 98 25.50 -3.09 4.26
CA ARG B 98 26.17 -1.81 4.40
C ARG B 98 27.35 -1.81 3.48
N ARG B 99 27.63 -0.63 2.87
CA ARG B 99 28.70 -0.45 1.90
C ARG B 99 30.05 -0.18 2.59
N ARG B 100 31.13 -0.69 2.00
CA ARG B 100 32.50 -0.46 2.45
C ARG B 100 32.85 0.96 2.05
N ASN B 101 33.78 1.62 2.79
CA ASN B 101 34.13 3.00 2.42
C ASN B 101 35.35 3.09 1.42
N TRP B 102 35.54 2.01 0.61
CA TRP B 102 36.46 1.74 -0.51
C TRP B 102 36.22 0.24 -0.90
N GLY B 103 35.83 -0.12 -2.11
CA GLY B 103 35.42 0.65 -3.27
C GLY B 103 34.06 0.10 -3.66
N ASN B 104 33.10 0.43 -2.82
CA ASN B 104 31.68 0.26 -2.94
C ASN B 104 31.11 -1.14 -2.84
N ALA B 105 31.90 -2.15 -2.43
CA ALA B 105 31.36 -3.50 -2.20
C ALA B 105 30.51 -3.50 -0.92
N PHE B 106 29.51 -4.41 -0.80
CA PHE B 106 28.68 -4.48 0.41
C PHE B 106 29.28 -5.52 1.27
N ASP B 107 29.97 -5.12 2.34
CA ASP B 107 30.69 -6.03 3.21
C ASP B 107 29.82 -6.77 4.25
N ILE B 108 28.76 -6.13 4.80
CA ILE B 108 27.90 -6.79 5.80
C ILE B 108 26.49 -6.86 5.27
N TRP B 109 25.84 -8.05 5.36
CA TRP B 109 24.49 -8.30 4.84
C TRP B 109 23.48 -8.66 5.95
N GLY B 110 22.22 -8.35 5.73
CA GLY B 110 21.14 -8.70 6.64
C GLY B 110 20.64 -10.09 6.34
N GLN B 111 19.96 -10.75 7.29
CA GLN B 111 19.43 -12.11 7.06
C GLN B 111 18.40 -12.18 5.91
N GLY B 112 17.73 -11.07 5.66
CA GLY B 112 16.72 -10.93 4.64
C GLY B 112 15.33 -10.85 5.22
N THR B 113 14.42 -10.26 4.46
CA THR B 113 13.00 -10.15 4.81
C THR B 113 12.22 -10.70 3.62
N MET B 114 11.46 -11.80 3.83
CA MET B 114 10.65 -12.35 2.73
C MET B 114 9.38 -11.56 2.67
N VAL B 115 9.10 -10.98 1.52
CA VAL B 115 7.89 -10.19 1.32
C VAL B 115 7.05 -10.90 0.26
N THR B 116 5.98 -11.58 0.74
CA THR B 116 4.99 -12.33 -0.04
C THR B 116 3.77 -11.40 -0.21
N VAL B 117 3.38 -11.06 -1.47
CA VAL B 117 2.24 -10.18 -1.80
C VAL B 117 1.20 -10.83 -2.75
N SER B 118 -0.01 -11.15 -2.23
CA SER B 118 -1.08 -11.78 -3.02
C SER B 118 -2.49 -11.21 -2.75
N SER B 119 -3.38 -11.26 -3.78
CA SER B 119 -4.82 -10.95 -3.61
C SER B 119 -5.51 -12.08 -2.78
N ALA B 120 -4.86 -13.26 -2.70
CA ALA B 120 -5.30 -14.45 -2.00
C ALA B 120 -5.41 -14.26 -0.51
N SER B 121 -6.16 -15.18 0.14
CA SER B 121 -6.41 -15.21 1.57
C SER B 121 -5.98 -16.57 2.12
N THR B 122 -5.60 -16.61 3.41
CA THR B 122 -5.16 -17.81 4.10
C THR B 122 -6.11 -19.00 3.95
N LYS B 123 -5.76 -19.90 3.01
CA LYS B 123 -6.48 -21.15 2.75
C LYS B 123 -5.55 -22.30 3.16
N GLY B 124 -6.10 -23.29 3.84
CA GLY B 124 -5.37 -24.50 4.24
C GLY B 124 -5.25 -25.50 3.10
N PRO B 125 -4.22 -26.39 3.16
CA PRO B 125 -4.04 -27.38 2.09
C PRO B 125 -5.05 -28.51 2.06
N SER B 126 -5.20 -29.12 0.86
CA SER B 126 -6.02 -30.31 0.64
C SER B 126 -4.96 -31.42 0.50
N VAL B 127 -5.14 -32.55 1.17
CA VAL B 127 -4.15 -33.64 1.04
C VAL B 127 -4.77 -34.82 0.30
N PHE B 128 -4.13 -35.26 -0.78
CA PHE B 128 -4.56 -36.39 -1.60
C PHE B 128 -3.44 -37.40 -1.69
N PRO B 129 -3.73 -38.73 -1.69
CA PRO B 129 -2.62 -39.69 -1.76
C PRO B 129 -2.11 -39.91 -3.19
N LEU B 130 -0.82 -40.29 -3.28
CA LEU B 130 -0.15 -40.67 -4.51
C LEU B 130 0.18 -42.15 -4.26
N ALA B 131 -0.84 -43.01 -4.50
CA ALA B 131 -0.83 -44.45 -4.25
C ALA B 131 0.13 -45.25 -5.12
N PRO B 132 0.76 -46.32 -4.55
CA PRO B 132 1.65 -47.18 -5.36
C PRO B 132 0.89 -48.09 -6.34
N SER B 133 1.62 -48.77 -7.28
CA SER B 133 1.02 -49.64 -8.30
C SER B 133 1.51 -51.12 -8.25
N SER B 134 2.68 -51.44 -8.87
CA SER B 134 3.28 -52.80 -8.93
C SER B 134 4.81 -52.76 -9.17
N THR B 141 11.78 -51.91 -5.74
CA THR B 141 11.24 -50.74 -5.04
C THR B 141 10.05 -50.08 -5.76
N ALA B 142 9.18 -49.45 -4.95
CA ALA B 142 7.98 -48.72 -5.38
C ALA B 142 8.02 -47.28 -4.85
N ALA B 143 7.25 -46.37 -5.49
CA ALA B 143 7.13 -44.99 -5.05
C ALA B 143 5.71 -44.62 -4.69
N LEU B 144 5.56 -43.84 -3.61
CA LEU B 144 4.31 -43.28 -3.08
C LEU B 144 4.55 -41.87 -2.53
N GLY B 145 3.48 -41.09 -2.37
CA GLY B 145 3.59 -39.74 -1.83
C GLY B 145 2.29 -39.09 -1.46
N CYS B 146 2.34 -37.78 -1.24
CA CYS B 146 1.19 -36.96 -0.87
C CYS B 146 1.12 -35.74 -1.73
N LEU B 147 -0.08 -35.38 -2.15
CA LEU B 147 -0.29 -34.19 -2.94
C LEU B 147 -0.86 -33.08 -2.01
N VAL B 148 -0.02 -32.10 -1.63
CA VAL B 148 -0.38 -30.95 -0.77
C VAL B 148 -0.86 -29.82 -1.73
N LYS B 149 -2.15 -29.82 -2.08
CA LYS B 149 -2.71 -28.91 -3.06
C LYS B 149 -3.53 -27.75 -2.49
N ASP B 150 -3.52 -26.62 -3.22
CA ASP B 150 -4.27 -25.37 -3.02
C ASP B 150 -4.11 -24.65 -1.66
N TYR B 151 -2.91 -24.60 -1.09
CA TYR B 151 -2.73 -23.84 0.16
C TYR B 151 -2.27 -22.37 -0.08
N PHE B 152 -2.21 -21.58 1.01
CA PHE B 152 -1.76 -20.18 1.05
C PHE B 152 -1.75 -19.67 2.52
N PRO B 153 -0.72 -18.93 2.96
CA PRO B 153 0.54 -18.62 2.28
C PRO B 153 1.58 -19.69 2.59
N GLU B 154 2.77 -19.54 2.02
CA GLU B 154 3.89 -20.44 2.26
C GLU B 154 4.36 -20.26 3.70
N PRO B 155 4.77 -21.32 4.43
CA PRO B 155 5.01 -22.71 4.01
C PRO B 155 4.11 -23.79 4.63
N VAL B 156 4.26 -25.02 4.11
CA VAL B 156 3.70 -26.26 4.62
C VAL B 156 4.94 -27.12 4.99
N THR B 157 4.79 -28.02 5.98
CA THR B 157 5.86 -28.93 6.38
C THR B 157 5.34 -30.35 6.26
N VAL B 158 6.11 -31.22 5.58
CA VAL B 158 5.75 -32.63 5.43
C VAL B 158 6.79 -33.52 6.10
N SER B 159 6.30 -34.59 6.77
CA SER B 159 7.07 -35.64 7.44
C SER B 159 6.37 -36.97 7.11
N TRP B 160 7.06 -38.12 7.36
CA TRP B 160 6.34 -39.32 6.98
C TRP B 160 5.85 -40.07 8.20
N ASN B 161 6.46 -41.16 8.65
CA ASN B 161 5.85 -41.87 9.79
C ASN B 161 6.25 -41.17 11.10
N SER B 162 5.59 -40.01 11.33
CA SER B 162 5.76 -39.01 12.40
C SER B 162 7.13 -38.35 12.29
N GLY B 163 8.16 -39.17 12.30
CA GLY B 163 9.55 -38.85 12.00
C GLY B 163 9.90 -40.00 11.10
N ALA B 164 10.44 -41.06 11.73
CA ALA B 164 10.80 -42.42 11.30
C ALA B 164 11.32 -42.57 9.86
N LEU B 165 10.47 -42.29 8.86
CA LEU B 165 10.82 -42.35 7.44
C LEU B 165 11.39 -40.99 6.97
N THR B 166 12.71 -40.98 6.71
CA THR B 166 13.52 -39.84 6.25
C THR B 166 14.25 -40.21 4.95
N SER B 167 14.76 -41.46 4.88
CA SER B 167 15.50 -42.04 3.76
C SER B 167 14.65 -42.12 2.49
N GLY B 168 15.17 -41.53 1.42
CA GLY B 168 14.53 -41.55 0.11
C GLY B 168 13.30 -40.68 -0.03
N VAL B 169 13.08 -39.74 0.93
CA VAL B 169 11.96 -38.80 0.92
C VAL B 169 12.40 -37.61 0.09
N HIS B 170 11.49 -37.14 -0.78
CA HIS B 170 11.67 -35.97 -1.63
C HIS B 170 10.49 -35.02 -1.52
N THR B 171 10.62 -33.99 -0.66
CA THR B 171 9.57 -32.97 -0.55
C THR B 171 9.96 -31.89 -1.56
N PHE B 172 9.08 -31.62 -2.49
CA PHE B 172 9.39 -30.70 -3.58
C PHE B 172 9.09 -29.27 -3.25
N PRO B 173 9.84 -28.33 -3.86
CA PRO B 173 9.54 -26.91 -3.67
C PRO B 173 8.14 -26.58 -4.19
N ALA B 174 7.39 -25.74 -3.45
CA ALA B 174 6.04 -25.38 -3.85
C ALA B 174 5.99 -24.63 -5.16
N VAL B 175 4.92 -24.84 -5.94
CA VAL B 175 4.73 -24.18 -7.23
C VAL B 175 3.48 -23.35 -7.06
N LEU B 176 3.53 -22.08 -7.47
CA LEU B 176 2.40 -21.20 -7.35
C LEU B 176 1.55 -21.36 -8.58
N GLN B 177 0.29 -21.79 -8.37
CA GLN B 177 -0.71 -22.03 -9.42
C GLN B 177 -1.32 -20.70 -9.84
N SER B 178 -1.96 -20.66 -11.03
CA SER B 178 -2.62 -19.47 -11.58
C SER B 178 -3.81 -19.03 -10.70
N SER B 179 -4.33 -19.96 -9.86
CA SER B 179 -5.41 -19.73 -8.90
C SER B 179 -5.02 -18.76 -7.77
N GLY B 180 -3.71 -18.55 -7.59
CA GLY B 180 -3.13 -17.73 -6.53
C GLY B 180 -2.68 -18.56 -5.33
N LEU B 181 -3.08 -19.85 -5.32
CA LEU B 181 -2.74 -20.81 -4.28
C LEU B 181 -1.54 -21.67 -4.68
N TYR B 182 -0.79 -22.18 -3.69
CA TYR B 182 0.37 -23.03 -3.89
C TYR B 182 0.01 -24.50 -3.75
N SER B 183 0.78 -25.34 -4.46
CA SER B 183 0.69 -26.79 -4.44
C SER B 183 2.12 -27.37 -4.52
N LEU B 184 2.30 -28.58 -3.95
CA LEU B 184 3.53 -29.36 -3.93
C LEU B 184 3.23 -30.81 -3.63
N SER B 185 4.20 -31.72 -3.94
CA SER B 185 4.11 -33.12 -3.57
C SER B 185 5.33 -33.51 -2.76
N SER B 186 5.12 -34.42 -1.82
CA SER B 186 6.15 -35.06 -1.03
C SER B 186 6.05 -36.54 -1.41
N VAL B 187 7.16 -37.10 -1.90
CA VAL B 187 7.24 -38.51 -2.35
C VAL B 187 8.32 -39.27 -1.58
N VAL B 188 8.26 -40.62 -1.61
CA VAL B 188 9.23 -41.52 -0.97
C VAL B 188 9.26 -42.86 -1.70
N THR B 189 10.47 -43.37 -1.97
CA THR B 189 10.68 -44.69 -2.58
C THR B 189 10.92 -45.66 -1.46
N VAL B 190 10.12 -46.73 -1.46
CA VAL B 190 10.18 -47.79 -0.44
C VAL B 190 10.30 -49.17 -1.09
N PRO B 191 10.75 -50.23 -0.33
CA PRO B 191 10.78 -51.59 -0.94
C PRO B 191 9.35 -52.09 -1.23
N SER B 192 9.13 -52.74 -2.40
CA SER B 192 7.82 -53.28 -2.81
C SER B 192 7.23 -54.29 -1.82
N SER B 193 8.10 -55.02 -1.09
CA SER B 193 7.76 -56.01 -0.07
C SER B 193 7.05 -55.38 1.15
N SER B 194 7.32 -54.09 1.44
CA SER B 194 6.77 -53.31 2.55
C SER B 194 5.28 -52.98 2.38
N LEU B 195 4.80 -52.89 1.12
CA LEU B 195 3.41 -52.60 0.77
C LEU B 195 2.48 -53.69 1.36
N GLY B 196 1.69 -53.30 2.36
CA GLY B 196 0.81 -54.24 3.06
C GLY B 196 1.30 -54.50 4.47
N THR B 197 2.63 -54.71 4.62
CA THR B 197 3.32 -54.92 5.91
C THR B 197 3.40 -53.58 6.66
N GLN B 198 4.06 -52.56 6.05
CA GLN B 198 4.27 -51.22 6.56
C GLN B 198 3.22 -50.21 6.14
N THR B 199 2.90 -49.31 7.10
CA THR B 199 1.92 -48.23 6.96
C THR B 199 2.64 -46.92 6.67
N TYR B 200 2.15 -46.21 5.63
CA TYR B 200 2.70 -44.94 5.20
C TYR B 200 1.68 -43.79 5.35
N ILE B 201 1.95 -42.92 6.32
CA ILE B 201 1.11 -41.75 6.61
C ILE B 201 1.97 -40.51 6.47
N CYS B 202 1.51 -39.50 5.71
CA CYS B 202 2.25 -38.25 5.61
C CYS B 202 1.64 -37.22 6.55
N ASN B 203 2.50 -36.51 7.30
CA ASN B 203 1.99 -35.48 8.22
C ASN B 203 2.28 -34.07 7.69
N VAL B 204 1.22 -33.46 7.16
CA VAL B 204 1.20 -32.12 6.56
C VAL B 204 0.73 -31.11 7.61
N ASN B 205 1.56 -30.10 7.88
CA ASN B 205 1.29 -29.04 8.85
C ASN B 205 1.38 -27.68 8.17
N HIS B 206 0.34 -26.84 8.33
CA HIS B 206 0.24 -25.49 7.75
C HIS B 206 -0.23 -24.51 8.82
N LYS B 207 0.76 -23.99 9.56
CA LYS B 207 0.60 -23.06 10.70
C LYS B 207 -0.29 -21.84 10.37
N PRO B 208 -0.09 -21.13 9.22
CA PRO B 208 -0.95 -19.98 8.91
C PRO B 208 -2.47 -20.21 8.97
N SER B 209 -2.97 -21.36 8.52
CA SER B 209 -4.39 -21.71 8.57
C SER B 209 -4.67 -22.70 9.70
N ASN B 210 -3.61 -23.09 10.43
CA ASN B 210 -3.60 -24.09 11.52
C ASN B 210 -4.26 -25.42 11.10
N THR B 211 -3.75 -25.98 9.98
CA THR B 211 -4.20 -27.23 9.38
C THR B 211 -3.15 -28.30 9.64
N LYS B 212 -3.57 -29.40 10.27
CA LYS B 212 -2.73 -30.55 10.57
C LYS B 212 -3.51 -31.79 10.12
N VAL B 213 -3.07 -32.35 8.97
CA VAL B 213 -3.62 -33.52 8.28
C VAL B 213 -2.59 -34.66 8.34
N ASP B 214 -3.08 -35.89 8.47
CA ASP B 214 -2.27 -37.11 8.42
C ASP B 214 -3.05 -38.01 7.45
N LYS B 215 -2.63 -38.06 6.18
CA LYS B 215 -3.29 -38.90 5.17
C LYS B 215 -2.55 -40.21 5.03
N ARG B 216 -3.32 -41.32 5.00
CA ARG B 216 -2.75 -42.65 4.85
C ARG B 216 -2.72 -42.98 3.38
N VAL B 217 -1.50 -43.27 2.90
CA VAL B 217 -1.23 -43.65 1.53
C VAL B 217 -1.17 -45.17 1.57
N GLU B 218 -2.12 -45.77 0.86
CA GLU B 218 -2.27 -47.20 0.73
C GLU B 218 -2.49 -47.55 -0.73
N PRO B 219 -2.11 -48.76 -1.19
CA PRO B 219 -2.31 -49.10 -2.61
C PRO B 219 -3.80 -49.15 -2.95
N LYS B 220 -4.20 -48.57 -4.11
CA LYS B 220 -5.60 -48.60 -4.58
C LYS B 220 -6.00 -50.05 -4.94
N SER B 221 -7.26 -50.45 -4.68
CA SER B 221 -7.70 -51.82 -4.98
C SER B 221 -8.52 -51.92 -6.28
N GLU C 1 3.18 15.91 9.74
CA GLU C 1 2.21 16.07 8.65
C GLU C 1 1.00 16.91 9.08
N VAL C 2 0.31 17.50 8.08
CA VAL C 2 -0.90 18.28 8.31
C VAL C 2 -2.03 17.27 8.54
N GLN C 3 -2.71 17.36 9.68
CA GLN C 3 -3.81 16.45 9.98
C GLN C 3 -4.84 17.04 10.93
N LEU C 4 -6.10 16.63 10.76
CA LEU C 4 -7.23 16.98 11.61
C LEU C 4 -7.70 15.66 12.25
N VAL C 5 -7.65 15.58 13.58
CA VAL C 5 -8.01 14.37 14.32
C VAL C 5 -9.31 14.62 15.07
N GLN C 6 -10.31 13.81 14.80
CA GLN C 6 -11.61 14.01 15.43
C GLN C 6 -11.88 13.10 16.64
N SER C 7 -12.85 13.53 17.45
CA SER C 7 -13.26 12.80 18.63
C SER C 7 -13.91 11.46 18.20
N GLY C 8 -13.92 10.49 19.14
CA GLY C 8 -14.48 9.16 18.94
C GLY C 8 -15.95 9.13 18.59
N ALA C 9 -16.41 7.93 18.20
CA ALA C 9 -17.80 7.65 17.83
C ALA C 9 -18.74 7.94 19.01
N GLU C 10 -19.89 8.56 18.70
CA GLU C 10 -20.86 8.92 19.71
C GLU C 10 -22.19 8.21 19.53
N VAL C 11 -22.69 7.66 20.65
CA VAL C 11 -24.02 7.05 20.72
C VAL C 11 -24.77 7.83 21.80
N LYS C 12 -25.73 8.65 21.37
CA LYS C 12 -26.52 9.48 22.27
C LYS C 12 -27.98 9.20 22.01
N LYS C 13 -28.83 9.28 23.06
CA LYS C 13 -30.28 9.12 22.90
C LYS C 13 -30.86 10.40 22.28
N SER C 14 -32.06 10.34 21.71
CA SER C 14 -32.70 11.50 21.08
C SER C 14 -32.95 12.63 22.12
N GLY C 15 -32.95 13.89 21.66
CA GLY C 15 -33.16 15.08 22.50
C GLY C 15 -31.98 15.55 23.34
N GLU C 16 -30.99 14.65 23.61
CA GLU C 16 -29.77 14.93 24.37
C GLU C 16 -28.93 16.01 23.64
N SER C 17 -27.84 16.49 24.26
CA SER C 17 -26.98 17.47 23.61
C SER C 17 -25.57 16.94 23.45
N LEU C 18 -24.89 17.36 22.35
CA LEU C 18 -23.55 16.87 22.01
C LEU C 18 -22.63 17.95 21.41
N LYS C 19 -21.33 17.90 21.79
CA LYS C 19 -20.26 18.76 21.27
C LYS C 19 -19.19 17.82 20.79
N ILE C 20 -18.85 17.93 19.50
CA ILE C 20 -17.87 17.10 18.83
C ILE C 20 -16.67 17.97 18.43
N SER C 21 -15.47 17.41 18.61
CA SER C 21 -14.24 18.13 18.37
C SER C 21 -13.44 17.63 17.15
N CYS C 22 -12.46 18.45 16.74
CA CYS C 22 -11.59 18.29 15.57
C CYS C 22 -10.29 19.05 15.87
N LYS C 23 -9.22 18.32 16.22
CA LYS C 23 -7.94 18.90 16.56
C LYS C 23 -6.99 19.00 15.35
N GLY C 24 -6.59 20.21 15.04
CA GLY C 24 -5.65 20.50 13.97
C GLY C 24 -4.22 20.52 14.46
N SER C 25 -3.32 19.89 13.70
CA SER C 25 -1.88 19.75 13.99
C SER C 25 -1.07 19.69 12.70
N GLY C 26 0.14 20.25 12.72
CA GLY C 26 1.05 20.27 11.58
C GLY C 26 1.02 21.55 10.78
N TYR C 27 0.11 22.47 11.14
CA TYR C 27 -0.07 23.73 10.43
C TYR C 27 -0.48 24.87 11.39
N SER C 28 -0.51 26.12 10.88
CA SER C 28 -0.93 27.30 11.64
C SER C 28 -2.48 27.35 11.70
N PHE C 29 -3.04 26.89 12.82
CA PHE C 29 -4.49 26.80 13.00
C PHE C 29 -5.28 28.07 12.72
N THR C 30 -4.70 29.24 13.03
CA THR C 30 -5.34 30.56 12.89
C THR C 30 -5.35 31.10 11.49
N SER C 31 -4.57 30.47 10.60
CA SER C 31 -4.40 30.89 9.21
C SER C 31 -5.37 30.24 8.20
N TYR C 32 -6.12 29.19 8.63
CA TYR C 32 -7.04 28.46 7.77
C TYR C 32 -8.44 28.38 8.31
N TRP C 33 -9.45 28.55 7.43
CA TRP C 33 -10.86 28.34 7.75
C TRP C 33 -11.07 26.83 7.86
N ILE C 34 -11.99 26.41 8.72
CA ILE C 34 -12.24 24.99 8.99
C ILE C 34 -13.75 24.74 8.93
N GLY C 35 -14.15 23.75 8.11
CA GLY C 35 -15.56 23.45 7.85
C GLY C 35 -16.07 22.11 8.31
N TRP C 36 -17.41 21.98 8.37
CA TRP C 36 -18.10 20.76 8.80
C TRP C 36 -19.03 20.25 7.70
N VAL C 37 -18.83 18.97 7.33
CA VAL C 37 -19.55 18.27 6.27
C VAL C 37 -20.23 17.04 6.88
N ARG C 38 -21.52 16.87 6.54
CA ARG C 38 -22.34 15.74 6.96
C ARG C 38 -22.49 14.75 5.81
N GLN C 39 -22.31 13.45 6.10
CA GLN C 39 -22.50 12.37 5.16
C GLN C 39 -23.51 11.37 5.77
N MET C 40 -24.82 11.56 5.43
CA MET C 40 -25.91 10.68 5.90
C MET C 40 -25.57 9.23 5.50
N PRO C 41 -25.87 8.17 6.29
CA PRO C 41 -25.45 6.81 5.86
C PRO C 41 -25.92 6.42 4.46
N GLY C 42 -24.95 5.92 3.70
CA GLY C 42 -25.12 5.51 2.31
C GLY C 42 -25.45 6.62 1.32
N LYS C 43 -25.38 7.89 1.74
CA LYS C 43 -25.63 9.07 0.91
C LYS C 43 -24.28 9.84 0.73
N GLY C 44 -24.31 10.95 0.00
CA GLY C 44 -23.13 11.76 -0.29
C GLY C 44 -22.78 12.79 0.76
N LEU C 45 -22.15 13.89 0.34
CA LEU C 45 -21.67 14.97 1.21
C LEU C 45 -22.56 16.20 1.21
N GLU C 46 -22.82 16.75 2.42
CA GLU C 46 -23.61 17.97 2.65
C GLU C 46 -22.80 18.98 3.44
N TRP C 47 -22.60 20.18 2.90
CA TRP C 47 -21.86 21.20 3.67
C TRP C 47 -22.80 21.85 4.74
N MET C 48 -22.31 21.91 6.00
CA MET C 48 -23.02 22.45 7.17
C MET C 48 -22.65 23.89 7.45
N GLY C 49 -21.35 24.14 7.64
CA GLY C 49 -20.78 25.46 7.91
C GLY C 49 -19.26 25.49 7.92
N ILE C 50 -18.68 26.71 7.99
CA ILE C 50 -17.22 27.00 8.06
C ILE C 50 -17.03 27.97 9.19
N PHE C 51 -15.82 27.97 9.73
CA PHE C 51 -15.40 28.83 10.81
C PHE C 51 -14.00 29.36 10.53
N TYR C 52 -13.73 30.63 10.91
CA TYR C 52 -12.38 31.16 10.79
C TYR C 52 -11.73 31.31 12.16
N PRO C 53 -10.80 30.39 12.54
CA PRO C 53 -10.11 30.53 13.83
C PRO C 53 -9.53 31.91 14.18
N GLY C 54 -8.89 32.61 13.24
CA GLY C 54 -8.27 33.91 13.51
C GLY C 54 -9.07 35.18 13.28
N ASP C 55 -10.43 35.08 13.29
CA ASP C 55 -11.40 36.15 13.08
C ASP C 55 -12.69 35.83 13.87
N SER C 56 -12.88 34.52 14.15
CA SER C 56 -14.04 33.90 14.76
C SER C 56 -15.30 34.06 13.89
N SER C 57 -15.14 34.38 12.57
CA SER C 57 -16.30 34.51 11.67
C SER C 57 -16.81 33.17 11.28
N THR C 58 -18.12 33.03 11.28
CA THR C 58 -18.78 31.79 10.95
C THR C 58 -19.84 32.08 9.91
N ARG C 59 -20.12 31.11 9.01
CA ARG C 59 -21.17 31.13 7.99
C ARG C 59 -21.72 29.72 7.86
N TYR C 60 -23.06 29.59 7.95
CA TYR C 60 -23.78 28.30 7.92
C TYR C 60 -24.63 28.13 6.64
N SER C 61 -24.87 26.84 6.26
CA SER C 61 -25.74 26.49 5.15
C SER C 61 -27.14 26.81 5.62
N PRO C 62 -27.99 27.50 4.83
CA PRO C 62 -29.35 27.81 5.32
C PRO C 62 -30.10 26.62 5.93
N SER C 63 -29.80 25.41 5.46
CA SER C 63 -30.38 24.15 5.95
C SER C 63 -29.86 23.72 7.35
N PHE C 64 -28.74 24.28 7.81
CA PHE C 64 -28.14 23.98 9.13
C PHE C 64 -28.14 25.20 10.07
N GLN C 65 -28.50 26.38 9.53
CA GLN C 65 -28.62 27.64 10.25
C GLN C 65 -29.63 27.49 11.39
N GLY C 66 -29.13 27.61 12.61
CA GLY C 66 -29.96 27.48 13.81
C GLY C 66 -29.88 26.11 14.47
N GLN C 67 -29.92 25.03 13.67
CA GLN C 67 -29.91 23.63 14.14
C GLN C 67 -28.60 23.20 14.80
N VAL C 68 -27.49 23.89 14.51
CA VAL C 68 -26.15 23.57 15.01
C VAL C 68 -25.32 24.86 15.22
N THR C 69 -24.22 24.82 16.01
CA THR C 69 -23.32 25.97 16.17
C THR C 69 -21.84 25.52 16.10
N ILE C 70 -21.01 26.28 15.33
CA ILE C 70 -19.57 26.03 15.17
C ILE C 70 -18.75 27.07 15.99
N SER C 71 -17.69 26.58 16.64
CA SER C 71 -16.81 27.35 17.52
C SER C 71 -15.40 26.75 17.46
N ALA C 72 -14.38 27.36 18.15
CA ALA C 72 -13.01 26.83 18.13
C ALA C 72 -12.18 27.03 19.44
N ASP C 73 -10.87 26.65 19.33
CA ASP C 73 -9.68 26.19 20.09
C ASP C 73 -9.74 26.28 21.60
N LYS C 74 -10.63 27.07 22.23
CA LYS C 74 -10.74 27.16 23.70
C LYS C 74 -9.32 27.16 24.41
N SER C 75 -8.30 27.79 23.70
CA SER C 75 -6.84 27.97 23.92
C SER C 75 -5.99 27.42 22.74
N VAL C 76 -6.01 26.08 22.55
CA VAL C 76 -5.29 25.33 21.52
C VAL C 76 -6.01 23.97 21.36
N ASN C 77 -6.26 23.44 20.12
CA ASN C 77 -6.06 23.93 18.74
C ASN C 77 -7.14 23.13 18.00
N THR C 78 -8.34 23.19 18.59
CA THR C 78 -9.49 22.36 18.31
C THR C 78 -10.71 23.12 17.86
N ALA C 79 -11.44 22.60 16.87
CA ALA C 79 -12.69 23.19 16.39
C ALA C 79 -13.85 22.35 16.94
N TYR C 80 -15.05 22.94 17.07
CA TYR C 80 -16.20 22.25 17.64
C TYR C 80 -17.49 22.37 16.83
N LEU C 81 -18.28 21.29 16.84
CA LEU C 81 -19.62 21.23 16.25
C LEU C 81 -20.54 20.79 17.39
N GLN C 82 -21.61 21.57 17.67
CA GLN C 82 -22.51 21.21 18.76
C GLN C 82 -23.99 21.40 18.46
N TRP C 83 -24.82 20.53 19.06
CA TRP C 83 -26.28 20.51 18.97
C TRP C 83 -26.87 20.67 20.36
N SER C 84 -27.96 21.44 20.45
CA SER C 84 -28.76 21.59 21.66
C SER C 84 -30.02 20.85 21.24
N SER C 85 -30.16 19.57 21.70
CA SER C 85 -31.25 18.62 21.38
C SER C 85 -31.14 17.98 19.97
N LEU C 86 -30.48 16.80 19.96
CA LEU C 86 -30.26 15.89 18.82
C LEU C 86 -31.57 15.19 18.40
N LYS C 87 -31.64 14.78 17.12
CA LYS C 87 -32.75 14.03 16.54
C LYS C 87 -32.18 12.70 16.03
N ALA C 88 -33.06 11.69 15.79
CA ALA C 88 -32.59 10.43 15.22
C ALA C 88 -32.08 10.70 13.76
N SER C 89 -32.70 11.73 13.07
CA SER C 89 -32.35 12.18 11.71
C SER C 89 -30.94 12.82 11.61
N ASP C 90 -30.23 12.96 12.75
CA ASP C 90 -28.88 13.51 12.86
C ASP C 90 -27.85 12.37 12.87
N THR C 91 -28.31 11.09 12.81
CA THR C 91 -27.43 9.92 12.74
C THR C 91 -26.73 9.97 11.37
N ALA C 92 -25.41 10.26 11.39
CA ALA C 92 -24.56 10.41 10.20
C ALA C 92 -23.10 10.45 10.57
N MET C 93 -22.25 10.63 9.55
CA MET C 93 -20.82 10.78 9.71
C MET C 93 -20.56 12.24 9.58
N TYR C 94 -19.73 12.75 10.49
CA TYR C 94 -19.39 14.16 10.49
C TYR C 94 -17.93 14.33 10.29
N TYR C 95 -17.61 15.08 9.23
CA TYR C 95 -16.24 15.38 8.86
C TYR C 95 -15.94 16.86 9.05
N CYS C 96 -14.74 17.17 9.53
CA CYS C 96 -14.25 18.54 9.56
C CYS C 96 -13.11 18.52 8.55
N ALA C 97 -13.11 19.54 7.73
CA ALA C 97 -12.13 19.70 6.68
C ALA C 97 -11.55 21.11 6.69
N ARG C 98 -10.23 21.20 6.53
CA ARG C 98 -9.52 22.46 6.43
C ARG C 98 -9.76 22.99 5.02
N ARG C 99 -9.96 24.30 4.89
CA ARG C 99 -10.14 24.98 3.62
C ARG C 99 -8.82 25.59 3.16
N ARG C 100 -8.58 25.54 1.83
CA ARG C 100 -7.43 26.12 1.13
C ARG C 100 -7.67 27.61 1.09
N ASN C 101 -6.60 28.43 1.04
CA ASN C 101 -6.82 29.89 1.01
C ASN C 101 -6.87 30.48 -0.46
N TRP C 102 -7.33 29.62 -1.41
CA TRP C 102 -7.65 29.79 -2.84
C TRP C 102 -7.97 28.36 -3.38
N GLY C 103 -9.15 28.05 -3.90
CA GLY C 103 -10.38 28.82 -4.03
C GLY C 103 -11.47 27.92 -3.45
N ASN C 104 -11.46 27.86 -2.12
CA ASN C 104 -12.42 27.20 -1.24
C ASN C 104 -12.48 25.66 -1.28
N ALA C 105 -11.53 24.97 -1.90
CA ALA C 105 -11.59 23.50 -1.87
C ALA C 105 -11.05 23.07 -0.51
N PHE C 106 -11.59 21.96 0.06
CA PHE C 106 -11.22 21.39 1.35
C PHE C 106 -10.06 20.47 1.20
N ASP C 107 -8.84 20.94 1.50
CA ASP C 107 -7.59 20.23 1.27
C ASP C 107 -7.17 19.21 2.31
N ILE C 108 -7.60 19.33 3.56
CA ILE C 108 -7.26 18.32 4.58
C ILE C 108 -8.53 17.90 5.26
N TRP C 109 -8.79 16.58 5.42
CA TRP C 109 -10.02 16.03 6.04
C TRP C 109 -9.73 15.22 7.32
N GLY C 110 -10.71 15.20 8.22
CA GLY C 110 -10.65 14.43 9.45
C GLY C 110 -11.11 13.01 9.21
N GLN C 111 -10.72 12.05 10.10
CA GLN C 111 -11.13 10.64 9.94
C GLN C 111 -12.66 10.45 9.97
N GLY C 112 -13.33 11.37 10.66
CA GLY C 112 -14.78 11.37 10.81
C GLY C 112 -15.19 10.96 12.20
N THR C 113 -16.39 11.39 12.59
CA THR C 113 -16.98 11.04 13.88
C THR C 113 -18.37 10.48 13.57
N MET C 114 -18.60 9.19 13.92
CA MET C 114 -19.90 8.59 13.67
C MET C 114 -20.81 8.99 14.80
N VAL C 115 -21.92 9.64 14.47
CA VAL C 115 -22.87 10.08 15.46
C VAL C 115 -24.16 9.33 15.21
N THR C 116 -24.44 8.38 16.11
CA THR C 116 -25.58 7.50 16.10
C THR C 116 -26.56 8.02 17.15
N VAL C 117 -27.80 8.40 16.73
CA VAL C 117 -28.85 8.96 17.60
C VAL C 117 -30.16 8.17 17.55
N SER C 118 -30.44 7.33 18.56
CA SER C 118 -31.73 6.63 18.64
C SER C 118 -32.20 6.43 20.08
N SER C 119 -33.51 6.33 20.25
CA SER C 119 -34.23 6.09 21.50
C SER C 119 -33.87 4.71 22.14
N ALA C 120 -33.24 3.81 21.36
CA ALA C 120 -32.79 2.47 21.75
C ALA C 120 -31.74 2.48 22.84
N SER C 121 -31.55 1.32 23.50
CA SER C 121 -30.60 1.11 24.59
C SER C 121 -29.72 -0.08 24.28
N THR C 122 -28.48 -0.08 24.83
CA THR C 122 -27.47 -1.12 24.60
C THR C 122 -27.98 -2.53 24.91
N LYS C 123 -28.38 -3.25 23.84
CA LYS C 123 -28.81 -4.65 23.87
C LYS C 123 -27.78 -5.49 23.16
N GLY C 124 -27.54 -6.67 23.69
CA GLY C 124 -26.61 -7.63 23.11
C GLY C 124 -27.24 -8.43 21.98
N PRO C 125 -26.43 -9.18 21.19
CA PRO C 125 -27.01 -9.93 20.06
C PRO C 125 -27.42 -11.39 20.35
N SER C 126 -28.44 -11.86 19.61
CA SER C 126 -28.91 -13.25 19.66
C SER C 126 -28.25 -13.93 18.45
N VAL C 127 -27.28 -14.86 18.70
CA VAL C 127 -26.50 -15.56 17.66
C VAL C 127 -27.08 -16.98 17.37
N PHE C 128 -27.79 -17.11 16.22
CA PHE C 128 -28.45 -18.31 15.69
C PHE C 128 -27.64 -18.92 14.55
N PRO C 129 -27.59 -20.28 14.41
CA PRO C 129 -26.81 -20.85 13.30
C PRO C 129 -27.57 -20.87 11.97
N LEU C 130 -26.81 -20.82 10.88
CA LEU C 130 -27.30 -20.93 9.50
C LEU C 130 -26.66 -22.24 9.03
N ALA C 131 -27.32 -23.36 9.42
CA ALA C 131 -26.91 -24.75 9.23
C ALA C 131 -26.82 -25.19 7.78
N PRO C 132 -25.76 -25.97 7.45
CA PRO C 132 -25.62 -26.46 6.05
C PRO C 132 -26.78 -27.35 5.63
N SER C 133 -27.21 -27.21 4.36
CA SER C 133 -28.31 -28.00 3.79
C SER C 133 -27.87 -29.46 3.65
N SER C 134 -28.77 -30.41 4.00
CA SER C 134 -28.52 -31.84 3.85
C SER C 134 -28.53 -32.20 2.35
N LYS C 135 -29.12 -31.30 1.54
CA LYS C 135 -29.25 -31.36 0.09
C LYS C 135 -27.98 -30.91 -0.65
N SER C 136 -27.08 -30.13 0.02
CA SER C 136 -25.82 -29.59 -0.55
C SER C 136 -25.05 -30.60 -1.40
N THR C 137 -24.77 -30.23 -2.69
CA THR C 137 -24.10 -31.04 -3.72
C THR C 137 -22.79 -31.64 -3.20
N SER C 138 -22.80 -32.95 -2.86
CA SER C 138 -21.64 -33.66 -2.31
C SER C 138 -20.47 -33.72 -3.31
N GLY C 139 -19.26 -33.57 -2.79
CA GLY C 139 -18.04 -33.48 -3.57
C GLY C 139 -17.69 -32.02 -3.75
N GLY C 140 -18.71 -31.24 -4.14
CA GLY C 140 -18.66 -29.79 -4.32
C GLY C 140 -18.67 -29.03 -3.02
N THR C 141 -19.26 -27.81 -3.03
CA THR C 141 -19.26 -26.91 -1.87
C THR C 141 -20.64 -26.61 -1.29
N ALA C 142 -20.64 -26.31 0.02
CA ALA C 142 -21.81 -25.97 0.83
C ALA C 142 -21.59 -24.62 1.53
N ALA C 143 -22.68 -23.96 1.94
CA ALA C 143 -22.61 -22.70 2.68
C ALA C 143 -23.26 -22.82 4.04
N LEU C 144 -22.62 -22.20 5.04
CA LEU C 144 -23.05 -22.09 6.44
C LEU C 144 -22.70 -20.71 6.98
N GLY C 145 -23.36 -20.29 8.05
CA GLY C 145 -23.10 -19.00 8.66
C GLY C 145 -23.72 -18.78 10.03
N CYS C 146 -23.80 -17.49 10.42
CA CYS C 146 -24.36 -17.02 11.69
C CYS C 146 -25.38 -15.89 11.50
N LEU C 147 -26.42 -15.88 12.33
CA LEU C 147 -27.43 -14.83 12.31
C LEU C 147 -27.31 -14.01 13.60
N VAL C 148 -26.57 -12.88 13.53
CA VAL C 148 -26.35 -11.95 14.64
C VAL C 148 -27.57 -11.01 14.64
N LYS C 149 -28.65 -11.44 15.34
CA LYS C 149 -29.92 -10.74 15.37
C LYS C 149 -30.13 -9.89 16.62
N ASP C 150 -30.91 -8.79 16.43
CA ASP C 150 -31.34 -7.77 17.39
C ASP C 150 -30.22 -7.33 18.38
N TYR C 151 -29.46 -6.30 17.99
CA TYR C 151 -28.37 -5.72 18.81
C TYR C 151 -28.28 -4.20 18.67
N PHE C 152 -27.64 -3.56 19.67
CA PHE C 152 -27.42 -2.12 19.73
C PHE C 152 -26.28 -1.75 20.69
N PRO C 153 -25.40 -0.79 20.31
CA PRO C 153 -25.32 -0.11 19.01
C PRO C 153 -24.34 -0.84 18.08
N GLU C 154 -24.02 -0.25 16.91
CA GLU C 154 -23.01 -0.78 16.00
C GLU C 154 -21.63 -0.51 16.65
N PRO C 155 -20.62 -1.39 16.51
CA PRO C 155 -20.54 -2.61 15.70
C PRO C 155 -20.39 -3.95 16.45
N VAL C 156 -20.50 -5.04 15.69
CA VAL C 156 -20.20 -6.40 16.09
C VAL C 156 -19.03 -6.86 15.21
N THR C 157 -18.20 -7.80 15.69
CA THR C 157 -17.09 -8.35 14.93
C THR C 157 -17.24 -9.86 14.87
N VAL C 158 -17.16 -10.45 13.67
CA VAL C 158 -17.27 -11.89 13.48
C VAL C 158 -15.96 -12.47 12.91
N SER C 159 -15.56 -13.65 13.44
CA SER C 159 -14.39 -14.45 13.05
C SER C 159 -14.82 -15.92 13.05
N TRP C 160 -13.94 -16.88 12.58
CA TRP C 160 -14.36 -18.29 12.59
C TRP C 160 -13.40 -19.25 13.39
N ASN C 161 -12.67 -18.63 14.35
CA ASN C 161 -11.76 -19.16 15.38
C ASN C 161 -10.62 -20.11 14.94
N SER C 162 -9.37 -19.87 15.44
CA SER C 162 -8.93 -18.67 16.21
C SER C 162 -8.53 -17.66 15.11
N GLY C 163 -9.55 -17.25 14.37
CA GLY C 163 -9.44 -16.57 13.10
C GLY C 163 -9.55 -17.78 12.19
N ALA C 164 -8.37 -18.45 11.91
CA ALA C 164 -8.16 -19.68 11.10
C ALA C 164 -8.88 -19.71 9.72
N LEU C 165 -10.23 -19.66 9.73
CA LEU C 165 -11.06 -19.62 8.54
C LEU C 165 -11.30 -18.14 8.14
N THR C 166 -10.69 -17.75 7.02
CA THR C 166 -10.73 -16.41 6.40
C THR C 166 -11.23 -16.51 4.96
N SER C 167 -10.80 -17.57 4.23
CA SER C 167 -11.13 -17.86 2.83
C SER C 167 -12.61 -18.13 2.64
N GLY C 168 -13.21 -17.35 1.74
CA GLY C 168 -14.62 -17.49 1.39
C GLY C 168 -15.62 -17.02 2.42
N VAL C 169 -15.14 -16.24 3.42
CA VAL C 169 -15.98 -15.67 4.48
C VAL C 169 -16.57 -14.37 3.96
N HIS C 170 -17.88 -14.17 4.19
CA HIS C 170 -18.62 -12.98 3.83
C HIS C 170 -19.42 -12.45 5.03
N THR C 171 -18.87 -11.45 5.75
CA THR C 171 -19.59 -10.82 6.86
C THR C 171 -20.33 -9.65 6.22
N PHE C 172 -21.65 -9.63 6.37
CA PHE C 172 -22.46 -8.64 5.71
C PHE C 172 -22.65 -7.38 6.50
N PRO C 173 -22.80 -6.23 5.81
CA PRO C 173 -23.08 -4.98 6.53
C PRO C 173 -24.40 -5.07 7.28
N ALA C 174 -24.45 -4.52 8.50
CA ALA C 174 -25.63 -4.53 9.33
C ALA C 174 -26.76 -3.72 8.72
N VAL C 175 -27.99 -4.18 8.93
CA VAL C 175 -29.20 -3.51 8.49
C VAL C 175 -29.96 -3.13 9.73
N LEU C 176 -30.40 -1.89 9.81
CA LEU C 176 -31.16 -1.44 10.96
C LEU C 176 -32.57 -1.85 10.71
N GLN C 177 -33.14 -2.56 11.67
CA GLN C 177 -34.53 -3.03 11.61
C GLN C 177 -35.48 -1.90 12.04
N SER C 178 -36.79 -2.09 11.80
CA SER C 178 -37.86 -1.17 12.22
C SER C 178 -37.99 -1.14 13.76
N SER C 179 -37.50 -2.23 14.41
CA SER C 179 -37.45 -2.44 15.86
C SER C 179 -36.52 -1.45 16.58
N GLY C 180 -35.61 -0.85 15.82
CA GLY C 180 -34.59 0.08 16.32
C GLY C 180 -33.27 -0.60 16.55
N LEU C 181 -33.22 -1.95 16.34
CA LEU C 181 -32.03 -2.82 16.54
C LEU C 181 -31.38 -3.27 15.25
N TYR C 182 -30.06 -3.39 15.25
CA TYR C 182 -29.29 -3.77 14.08
C TYR C 182 -29.17 -5.28 13.94
N SER C 183 -29.03 -5.76 12.69
CA SER C 183 -28.86 -7.18 12.40
C SER C 183 -28.00 -7.46 11.17
N LEU C 184 -27.15 -8.49 11.26
CA LEU C 184 -26.31 -8.92 10.15
C LEU C 184 -26.10 -10.43 10.12
N SER C 185 -25.54 -10.95 9.00
CA SER C 185 -25.22 -12.36 8.82
C SER C 185 -23.75 -12.51 8.37
N SER C 186 -23.00 -13.49 8.94
CA SER C 186 -21.65 -13.85 8.51
C SER C 186 -21.74 -15.26 7.96
N VAL C 187 -21.40 -15.42 6.68
CA VAL C 187 -21.46 -16.70 5.97
C VAL C 187 -20.08 -17.13 5.46
N VAL C 188 -19.93 -18.43 5.14
CA VAL C 188 -18.70 -19.01 4.61
C VAL C 188 -19.04 -20.25 3.77
N THR C 189 -18.44 -20.34 2.57
CA THR C 189 -18.57 -21.50 1.68
C THR C 189 -17.41 -22.42 1.95
N VAL C 190 -17.72 -23.67 2.26
CA VAL C 190 -16.74 -24.72 2.58
C VAL C 190 -16.99 -25.96 1.72
N PRO C 191 -15.99 -26.89 1.58
CA PRO C 191 -16.26 -28.14 0.83
C PRO C 191 -17.29 -29.01 1.56
N SER C 192 -18.24 -29.63 0.81
CA SER C 192 -19.30 -30.49 1.35
C SER C 192 -18.78 -31.69 2.15
N SER C 193 -17.56 -32.16 1.78
CA SER C 193 -16.86 -33.28 2.41
C SER C 193 -16.44 -32.98 3.87
N SER C 194 -16.22 -31.69 4.19
CA SER C 194 -15.80 -31.19 5.50
C SER C 194 -16.90 -31.28 6.57
N LEU C 195 -18.19 -31.25 6.16
CA LEU C 195 -19.36 -31.35 7.03
C LEU C 195 -19.33 -32.70 7.79
N GLY C 196 -19.08 -32.65 9.09
CA GLY C 196 -18.96 -33.84 9.92
C GLY C 196 -17.53 -34.04 10.38
N THR C 197 -16.56 -33.85 9.44
CA THR C 197 -15.12 -33.95 9.70
C THR C 197 -14.65 -32.70 10.47
N GLN C 198 -14.84 -31.50 9.86
CA GLN C 198 -14.47 -30.19 10.39
C GLN C 198 -15.57 -29.49 11.18
N THR C 199 -15.11 -28.77 12.24
CA THR C 199 -15.94 -28.01 13.15
C THR C 199 -15.91 -26.54 12.79
N TYR C 200 -17.12 -25.94 12.69
CA TYR C 200 -17.28 -24.54 12.35
C TYR C 200 -17.93 -23.76 13.49
N ILE C 201 -17.14 -22.88 14.14
CA ILE C 201 -17.60 -22.03 15.24
C ILE C 201 -17.39 -20.58 14.86
N CYS C 202 -18.44 -19.75 14.96
CA CYS C 202 -18.31 -18.31 14.71
C CYS C 202 -18.15 -17.56 16.01
N ASN C 203 -17.18 -16.64 16.06
CA ASN C 203 -16.95 -15.84 17.27
C ASN C 203 -17.41 -14.40 17.08
N VAL C 204 -18.59 -14.11 17.68
CA VAL C 204 -19.27 -12.82 17.65
C VAL C 204 -18.91 -12.03 18.91
N ASN C 205 -18.35 -10.82 18.72
CA ASN C 205 -17.92 -9.94 19.80
C ASN C 205 -18.64 -8.61 19.66
N HIS C 206 -19.31 -8.15 20.73
CA HIS C 206 -20.03 -6.87 20.78
C HIS C 206 -19.59 -6.16 22.05
N LYS C 207 -18.50 -5.35 21.98
CA LYS C 207 -17.92 -4.60 23.10
C LYS C 207 -18.94 -3.68 23.82
N PRO C 208 -19.85 -2.93 23.13
CA PRO C 208 -20.82 -2.08 23.85
C PRO C 208 -21.64 -2.76 24.95
N SER C 209 -22.09 -4.01 24.74
CA SER C 209 -22.85 -4.76 25.75
C SER C 209 -21.96 -5.82 26.41
N ASN C 210 -20.67 -5.88 26.00
CA ASN C 210 -19.65 -6.84 26.42
C ASN C 210 -20.14 -8.30 26.29
N THR C 211 -20.60 -8.64 25.06
CA THR C 211 -21.09 -9.96 24.68
C THR C 211 -20.06 -10.65 23.80
N LYS C 212 -19.71 -11.88 24.18
CA LYS C 212 -18.82 -12.79 23.46
C LYS C 212 -19.62 -14.08 23.27
N VAL C 213 -20.06 -14.34 22.04
CA VAL C 213 -20.79 -15.55 21.69
C VAL C 213 -19.93 -16.37 20.75
N ASP C 214 -19.80 -17.68 21.01
CA ASP C 214 -19.05 -18.61 20.18
C ASP C 214 -20.02 -19.75 19.77
N LYS C 215 -20.94 -19.49 18.79
CA LYS C 215 -21.95 -20.47 18.32
C LYS C 215 -21.38 -21.50 17.33
N ARG C 216 -21.66 -22.80 17.58
CA ARG C 216 -21.23 -23.90 16.71
C ARG C 216 -22.31 -24.12 15.65
N VAL C 217 -21.88 -24.08 14.37
CA VAL C 217 -22.73 -24.28 13.20
C VAL C 217 -22.50 -25.70 12.67
N GLU C 218 -23.45 -26.56 12.98
CA GLU C 218 -23.45 -27.97 12.63
C GLU C 218 -24.71 -28.27 11.83
N PRO C 219 -24.72 -29.30 10.93
CA PRO C 219 -25.97 -29.63 10.20
C PRO C 219 -27.06 -30.11 11.16
N LYS C 220 -28.30 -29.62 10.99
CA LYS C 220 -29.42 -29.98 11.89
C LYS C 220 -29.76 -31.49 11.76
N SER C 221 -30.11 -32.15 12.88
CA SER C 221 -30.46 -33.58 12.86
C SER C 221 -31.97 -33.80 12.98
N GLU D 1 24.69 1.00 -20.28
CA GLU D 1 25.54 1.08 -19.10
C GLU D 1 26.48 -0.15 -18.96
N ILE D 2 27.01 -0.37 -17.73
CA ILE D 2 27.95 -1.44 -17.39
C ILE D 2 27.17 -2.76 -17.29
N VAL D 3 27.61 -3.79 -18.02
CA VAL D 3 26.89 -5.08 -17.99
C VAL D 3 27.85 -6.21 -17.68
N LEU D 4 27.58 -6.93 -16.58
CA LEU D 4 28.41 -8.03 -16.13
C LEU D 4 27.83 -9.36 -16.58
N THR D 5 28.57 -10.03 -17.45
CA THR D 5 28.21 -11.32 -18.03
C THR D 5 29.16 -12.38 -17.47
N GLN D 6 28.61 -13.32 -16.67
CA GLN D 6 29.36 -14.40 -16.03
C GLN D 6 29.29 -15.69 -16.82
N SER D 7 30.37 -16.46 -16.84
CA SER D 7 30.39 -17.74 -17.54
C SER D 7 31.16 -18.77 -16.72
N PRO D 8 30.72 -20.05 -16.76
CA PRO D 8 29.48 -20.55 -17.38
C PRO D 8 28.29 -20.27 -16.42
N GLY D 9 27.09 -20.70 -16.81
CA GLY D 9 25.94 -20.56 -15.94
C GLY D 9 26.00 -21.60 -14.83
N THR D 10 26.52 -22.77 -15.18
CA THR D 10 26.71 -23.87 -14.24
C THR D 10 28.05 -24.54 -14.48
N LEU D 11 28.78 -24.71 -13.39
CA LEU D 11 30.08 -25.30 -13.39
C LEU D 11 29.93 -26.53 -12.59
N SER D 12 30.02 -27.68 -13.26
CA SER D 12 29.92 -29.00 -12.64
C SER D 12 31.34 -29.55 -12.48
N LEU D 13 31.79 -29.64 -11.23
CA LEU D 13 33.10 -30.14 -10.85
C LEU D 13 32.91 -31.01 -9.59
N SER D 14 33.88 -31.86 -9.31
CA SER D 14 33.82 -32.73 -8.14
C SER D 14 34.58 -32.14 -6.93
N PRO D 15 34.26 -32.51 -5.66
CA PRO D 15 35.02 -31.93 -4.52
C PRO D 15 36.54 -32.15 -4.63
N GLY D 16 37.31 -31.14 -4.23
CA GLY D 16 38.76 -31.15 -4.28
C GLY D 16 39.32 -30.55 -5.55
N GLU D 17 38.47 -30.41 -6.58
CA GLU D 17 38.85 -29.84 -7.86
C GLU D 17 39.02 -28.30 -7.81
N ARG D 18 39.77 -27.77 -8.77
CA ARG D 18 39.97 -26.33 -8.90
C ARG D 18 38.83 -25.70 -9.70
N ALA D 19 38.23 -24.63 -9.14
CA ALA D 19 37.15 -23.90 -9.79
C ALA D 19 37.65 -22.56 -10.24
N THR D 20 37.30 -22.18 -11.48
CA THR D 20 37.63 -20.92 -12.11
C THR D 20 36.34 -20.38 -12.68
N LEU D 21 35.87 -19.26 -12.11
CA LEU D 21 34.64 -18.56 -12.48
C LEU D 21 35.01 -17.28 -13.17
N SER D 22 34.33 -16.95 -14.27
CA SER D 22 34.57 -15.76 -15.08
C SER D 22 33.49 -14.69 -14.89
N CYS D 23 33.88 -13.44 -15.13
CA CYS D 23 33.07 -12.23 -15.07
C CYS D 23 33.65 -11.32 -16.13
N ARG D 24 32.88 -11.08 -17.20
CA ARG D 24 33.29 -10.21 -18.27
C ARG D 24 32.40 -8.98 -18.28
N ALA D 25 33.02 -7.81 -18.31
CA ALA D 25 32.34 -6.51 -18.32
C ALA D 25 32.15 -6.02 -19.75
N SER D 26 31.03 -5.32 -19.98
CA SER D 26 30.62 -4.75 -21.27
C SER D 26 31.56 -3.62 -21.72
N GLN D 27 32.30 -3.02 -20.77
CA GLN D 27 33.26 -1.94 -20.97
C GLN D 27 34.34 -2.02 -19.91
N SER D 28 35.52 -1.43 -20.19
CA SER D 28 36.65 -1.37 -19.26
C SER D 28 36.19 -0.77 -17.92
N VAL D 29 36.61 -1.41 -16.81
CA VAL D 29 36.14 -1.14 -15.48
C VAL D 29 37.28 -1.04 -14.42
N SER D 30 37.06 -0.26 -13.34
CA SER D 30 38.07 -0.14 -12.29
C SER D 30 38.11 -1.41 -11.44
N SER D 31 39.31 -1.80 -11.04
CA SER D 31 39.52 -3.00 -10.23
C SER D 31 39.05 -2.77 -8.82
N SER D 32 38.96 -1.50 -8.42
CA SER D 32 38.53 -1.04 -7.09
C SER D 32 37.08 -1.42 -6.84
N TYR D 33 36.27 -1.31 -7.90
CA TYR D 33 34.83 -1.50 -7.85
C TYR D 33 34.37 -2.93 -8.09
N LEU D 34 35.33 -3.86 -8.32
CA LEU D 34 34.97 -5.26 -8.55
C LEU D 34 34.94 -6.09 -7.27
N ALA D 35 33.79 -6.71 -7.04
CA ALA D 35 33.55 -7.57 -5.88
C ALA D 35 32.90 -8.90 -6.29
N TRP D 36 33.12 -9.96 -5.45
CA TRP D 36 32.53 -11.28 -5.64
C TRP D 36 31.79 -11.65 -4.38
N TYR D 37 30.58 -12.19 -4.55
CA TYR D 37 29.70 -12.64 -3.46
C TYR D 37 29.40 -14.10 -3.66
N GLN D 38 29.16 -14.79 -2.54
CA GLN D 38 28.75 -16.19 -2.47
C GLN D 38 27.36 -16.26 -1.86
N GLN D 39 26.50 -17.10 -2.41
CA GLN D 39 25.18 -17.31 -1.82
C GLN D 39 24.89 -18.79 -1.68
N LYS D 40 24.98 -19.30 -0.44
CA LYS D 40 24.70 -20.68 -0.09
C LYS D 40 23.18 -20.89 -0.19
N PRO D 41 22.67 -22.13 -0.41
CA PRO D 41 21.20 -22.27 -0.53
C PRO D 41 20.44 -21.87 0.73
N GLY D 42 19.41 -21.05 0.54
CA GLY D 42 18.57 -20.55 1.63
C GLY D 42 19.26 -19.62 2.62
N GLN D 43 20.37 -18.99 2.18
CA GLN D 43 21.17 -18.06 2.98
C GLN D 43 21.33 -16.76 2.21
N ALA D 44 21.80 -15.72 2.95
CA ALA D 44 22.01 -14.39 2.38
C ALA D 44 23.33 -14.35 1.63
N PRO D 45 23.49 -13.47 0.60
CA PRO D 45 24.80 -13.34 -0.05
C PRO D 45 25.85 -12.85 0.96
N ARG D 46 27.11 -13.22 0.77
CA ARG D 46 28.20 -12.74 1.62
C ARG D 46 29.36 -12.34 0.75
N LEU D 47 30.08 -11.26 1.15
CA LEU D 47 31.24 -10.78 0.40
C LEU D 47 32.39 -11.78 0.57
N LEU D 48 33.07 -12.08 -0.55
CA LEU D 48 34.24 -12.91 -0.63
C LEU D 48 35.45 -12.05 -0.96
N ILE D 49 35.37 -11.30 -2.08
CA ILE D 49 36.49 -10.52 -2.63
C ILE D 49 36.04 -9.12 -2.93
N TYR D 50 36.79 -8.12 -2.49
CA TYR D 50 36.54 -6.72 -2.81
C TYR D 50 37.77 -6.13 -3.51
N GLY D 51 37.60 -5.08 -4.31
CA GLY D 51 38.73 -4.45 -5.00
C GLY D 51 39.49 -5.39 -5.91
N ALA D 52 38.74 -6.35 -6.51
CA ALA D 52 39.11 -7.40 -7.49
C ALA D 52 39.95 -8.53 -6.95
N SER D 53 40.91 -8.27 -6.04
CA SER D 53 41.86 -9.26 -5.50
C SER D 53 41.91 -9.39 -3.97
N SER D 54 41.36 -8.38 -3.23
CA SER D 54 41.40 -8.37 -1.77
C SER D 54 40.34 -9.26 -1.20
N ARG D 55 40.71 -10.05 -0.23
CA ARG D 55 39.85 -11.05 0.38
C ARG D 55 39.15 -10.44 1.60
N ALA D 56 37.79 -10.53 1.63
CA ALA D 56 36.96 -10.02 2.74
C ALA D 56 37.29 -10.73 4.06
N THR D 57 36.94 -10.12 5.21
CA THR D 57 37.24 -10.67 6.54
C THR D 57 36.72 -12.10 6.72
N GLY D 58 37.62 -12.98 7.21
CA GLY D 58 37.32 -14.39 7.49
C GLY D 58 37.05 -15.25 6.27
N ILE D 59 37.60 -14.85 5.12
CA ILE D 59 37.39 -15.62 3.91
C ILE D 59 38.61 -16.54 3.67
N PRO D 60 38.36 -17.89 3.69
CA PRO D 60 39.42 -18.88 3.41
C PRO D 60 40.38 -18.57 2.26
N ASP D 61 41.66 -18.95 2.42
CA ASP D 61 42.73 -18.74 1.43
C ASP D 61 42.49 -19.42 0.08
N ARG D 62 41.57 -20.43 0.02
CA ARG D 62 41.26 -21.12 -1.25
C ARG D 62 40.59 -20.16 -2.25
N PHE D 63 39.88 -19.15 -1.71
CA PHE D 63 39.25 -18.10 -2.49
C PHE D 63 40.31 -17.04 -2.88
N SER D 64 40.50 -16.85 -4.19
CA SER D 64 41.45 -15.91 -4.77
C SER D 64 40.74 -15.15 -5.91
N GLY D 65 40.98 -13.83 -5.98
CA GLY D 65 40.40 -12.96 -6.99
C GLY D 65 41.45 -12.30 -7.83
N SER D 66 41.22 -12.19 -9.15
CA SER D 66 42.18 -11.59 -10.11
C SER D 66 41.48 -11.05 -11.33
N GLY D 67 42.23 -10.32 -12.15
CA GLY D 67 41.76 -9.72 -13.39
C GLY D 67 41.93 -8.22 -13.44
N SER D 68 41.71 -7.63 -14.62
CA SER D 68 41.74 -6.19 -14.89
C SER D 68 40.98 -5.88 -16.20
N GLY D 69 40.68 -4.60 -16.43
CA GLY D 69 40.00 -4.16 -17.63
C GLY D 69 38.56 -4.61 -17.74
N THR D 70 38.34 -5.71 -18.46
CA THR D 70 37.00 -6.29 -18.68
C THR D 70 36.90 -7.72 -18.20
N ASP D 71 38.02 -8.47 -18.12
CA ASP D 71 37.99 -9.87 -17.71
C ASP D 71 38.48 -10.09 -16.29
N PHE D 72 37.57 -10.60 -15.44
CA PHE D 72 37.80 -10.89 -14.01
C PHE D 72 37.54 -12.36 -13.70
N THR D 73 38.18 -12.90 -12.64
CA THR D 73 38.14 -14.31 -12.31
C THR D 73 38.17 -14.57 -10.83
N LEU D 74 37.26 -15.43 -10.38
CA LEU D 74 37.26 -15.93 -9.02
C LEU D 74 37.78 -17.37 -9.11
N THR D 75 38.75 -17.70 -8.25
CA THR D 75 39.35 -19.03 -8.21
C THR D 75 39.13 -19.68 -6.85
N ILE D 76 38.83 -20.97 -6.85
CA ILE D 76 38.69 -21.80 -5.63
C ILE D 76 39.67 -22.93 -5.88
N SER D 77 40.87 -22.86 -5.26
CA SER D 77 41.98 -23.85 -5.42
C SER D 77 41.57 -25.32 -5.18
N ARG D 78 40.69 -25.54 -4.22
CA ARG D 78 40.19 -26.86 -3.86
C ARG D 78 38.75 -26.69 -3.33
N LEU D 79 37.75 -27.24 -4.08
CA LEU D 79 36.35 -27.14 -3.71
C LEU D 79 35.97 -28.04 -2.52
N GLU D 80 35.52 -27.42 -1.45
CA GLU D 80 35.08 -28.12 -0.24
C GLU D 80 33.56 -28.35 -0.42
N PRO D 81 32.88 -29.19 0.43
CA PRO D 81 31.44 -29.39 0.26
C PRO D 81 30.61 -28.11 0.32
N GLU D 82 31.00 -27.21 1.25
CA GLU D 82 30.36 -25.91 1.50
C GLU D 82 30.43 -24.96 0.30
N ASP D 83 31.46 -25.12 -0.56
CA ASP D 83 31.76 -24.28 -1.73
C ASP D 83 30.80 -24.44 -2.90
N PHE D 84 29.90 -25.42 -2.88
CA PHE D 84 28.90 -25.56 -3.93
C PHE D 84 27.75 -24.58 -3.62
N ALA D 85 27.68 -23.46 -4.40
CA ALA D 85 26.72 -22.38 -4.23
C ALA D 85 26.68 -21.48 -5.47
N VAL D 86 25.98 -20.33 -5.36
CA VAL D 86 25.92 -19.36 -6.45
C VAL D 86 26.90 -18.22 -6.17
N TYR D 87 27.55 -17.74 -7.23
CA TYR D 87 28.54 -16.70 -7.15
C TYR D 87 28.18 -15.57 -8.05
N TYR D 88 28.07 -14.37 -7.46
CA TYR D 88 27.74 -13.18 -8.23
C TYR D 88 28.93 -12.22 -8.23
N CYS D 89 29.23 -11.61 -9.37
CA CYS D 89 30.26 -10.59 -9.41
C CYS D 89 29.52 -9.27 -9.46
N GLN D 90 30.19 -8.18 -9.07
CA GLN D 90 29.57 -6.87 -8.95
C GLN D 90 30.49 -5.76 -9.45
N GLN D 91 29.89 -4.68 -9.97
CA GLN D 91 30.58 -3.48 -10.44
C GLN D 91 29.91 -2.19 -10.02
N TYR D 92 30.57 -1.07 -10.39
CA TYR D 92 30.23 0.34 -10.13
C TYR D 92 31.03 1.29 -11.10
N GLY D 93 30.36 2.17 -11.83
CA GLY D 93 28.93 2.20 -11.84
C GLY D 93 28.19 3.48 -12.11
N SER D 94 28.78 4.66 -11.81
CA SER D 94 28.03 5.93 -11.91
C SER D 94 26.67 5.84 -11.10
N SER D 95 26.75 5.14 -9.96
CA SER D 95 25.83 4.97 -8.84
C SER D 95 24.38 4.58 -9.06
N THR D 96 24.00 3.35 -9.44
CA THR D 96 24.40 2.17 -10.20
C THR D 96 25.55 1.35 -9.64
N TRP D 97 25.11 0.22 -9.09
CA TRP D 97 25.80 -0.94 -8.58
C TRP D 97 25.14 -1.99 -9.47
N THR D 98 25.94 -2.71 -10.25
CA THR D 98 25.47 -3.78 -11.14
C THR D 98 25.95 -5.12 -10.57
N PHE D 99 25.14 -6.17 -10.76
CA PHE D 99 25.46 -7.57 -10.41
C PHE D 99 25.47 -8.46 -11.67
N GLY D 100 26.21 -9.55 -11.57
CA GLY D 100 26.25 -10.57 -12.61
C GLY D 100 25.09 -11.50 -12.37
N GLN D 101 24.76 -12.33 -13.38
CA GLN D 101 23.60 -13.21 -13.29
C GLN D 101 23.82 -14.45 -12.41
N GLY D 102 25.08 -14.68 -12.01
CA GLY D 102 25.46 -15.80 -11.18
C GLY D 102 26.06 -16.94 -11.96
N THR D 103 26.79 -17.81 -11.23
CA THR D 103 27.36 -19.05 -11.73
C THR D 103 27.06 -20.05 -10.61
N LYS D 104 26.28 -21.09 -10.90
CA LYS D 104 25.99 -22.16 -9.91
C LYS D 104 27.14 -23.18 -9.99
N VAL D 105 27.69 -23.56 -8.81
CA VAL D 105 28.77 -24.54 -8.76
C VAL D 105 28.11 -25.80 -8.25
N GLU D 106 27.83 -26.68 -9.19
CA GLU D 106 27.13 -27.95 -9.03
C GLU D 106 28.14 -29.08 -8.85
N ILE D 107 27.75 -30.16 -8.15
CA ILE D 107 28.62 -31.31 -7.89
C ILE D 107 28.59 -32.28 -9.10
N LYS D 108 29.74 -32.47 -9.81
CA LYS D 108 29.83 -33.43 -10.91
C LYS D 108 29.80 -34.82 -10.29
N ARG D 109 29.01 -35.72 -10.92
CA ARG D 109 28.87 -37.12 -10.55
C ARG D 109 28.56 -37.95 -11.80
N THR D 110 28.61 -39.27 -11.70
CA THR D 110 28.33 -40.13 -12.85
C THR D 110 26.89 -40.00 -13.31
N VAL D 111 26.66 -40.19 -14.62
CA VAL D 111 25.31 -40.23 -15.16
C VAL D 111 24.52 -41.30 -14.41
N ALA D 112 23.29 -40.95 -14.00
CA ALA D 112 22.33 -41.78 -13.30
C ALA D 112 20.99 -41.53 -13.98
N ALA D 113 20.28 -42.60 -14.33
CA ALA D 113 19.00 -42.50 -15.02
C ALA D 113 17.85 -42.37 -14.03
N PRO D 114 16.80 -41.63 -14.39
CA PRO D 114 15.66 -41.51 -13.46
C PRO D 114 14.83 -42.78 -13.37
N SER D 115 14.29 -43.08 -12.18
CA SER D 115 13.31 -44.13 -11.99
C SER D 115 12.03 -43.31 -12.25
N VAL D 116 11.23 -43.63 -13.27
CA VAL D 116 10.01 -42.88 -13.59
C VAL D 116 8.78 -43.54 -12.92
N PHE D 117 7.81 -42.72 -12.44
CA PHE D 117 6.57 -43.16 -11.79
C PHE D 117 5.42 -42.23 -12.16
N ILE D 118 4.26 -42.79 -12.55
CA ILE D 118 3.05 -42.02 -12.87
C ILE D 118 2.00 -42.31 -11.78
N PHE D 119 1.27 -41.26 -11.35
CA PHE D 119 0.22 -41.34 -10.34
C PHE D 119 -1.07 -40.74 -10.89
N PRO D 120 -2.18 -41.51 -10.84
CA PRO D 120 -3.47 -40.97 -11.33
C PRO D 120 -4.15 -40.11 -10.26
N PRO D 121 -5.14 -39.25 -10.61
CA PRO D 121 -5.83 -38.48 -9.56
C PRO D 121 -6.58 -39.36 -8.58
N SER D 122 -6.46 -39.11 -7.26
CA SER D 122 -7.16 -39.88 -6.21
C SER D 122 -8.68 -39.77 -6.36
N ASP D 123 -9.42 -40.73 -5.74
CA ASP D 123 -10.89 -40.73 -5.79
C ASP D 123 -11.44 -39.51 -5.03
N GLU D 124 -10.82 -39.19 -3.84
CA GLU D 124 -11.14 -38.02 -3.01
C GLU D 124 -11.07 -36.72 -3.84
N GLN D 125 -9.97 -36.56 -4.61
CA GLN D 125 -9.73 -35.40 -5.45
C GLN D 125 -10.71 -35.33 -6.61
N LEU D 126 -11.08 -36.49 -7.17
CA LEU D 126 -12.01 -36.53 -8.29
C LEU D 126 -13.45 -36.15 -7.91
N LYS D 127 -13.81 -36.31 -6.59
CA LYS D 127 -15.11 -35.92 -6.04
C LYS D 127 -15.29 -34.41 -6.27
N SER D 128 -14.22 -33.60 -5.97
CA SER D 128 -14.18 -32.16 -6.28
C SER D 128 -13.88 -32.08 -7.79
N GLY D 129 -14.35 -31.04 -8.45
CA GLY D 129 -14.23 -30.91 -9.91
C GLY D 129 -12.88 -30.78 -10.58
N THR D 130 -11.80 -31.35 -9.97
CA THR D 130 -10.43 -31.28 -10.49
C THR D 130 -9.67 -32.61 -10.38
N ALA D 131 -8.80 -32.88 -11.40
CA ALA D 131 -7.91 -34.04 -11.55
C ALA D 131 -6.45 -33.60 -11.76
N SER D 132 -5.57 -34.12 -10.88
CA SER D 132 -4.13 -33.85 -10.91
C SER D 132 -3.36 -35.15 -11.14
N VAL D 133 -2.69 -35.23 -12.31
CA VAL D 133 -1.88 -36.38 -12.71
C VAL D 133 -0.43 -36.04 -12.47
N VAL D 134 0.28 -36.90 -11.73
CA VAL D 134 1.67 -36.66 -11.33
C VAL D 134 2.69 -37.65 -11.95
N CYS D 135 3.72 -37.09 -12.60
CA CYS D 135 4.84 -37.83 -13.19
C CYS D 135 6.11 -37.54 -12.34
N LEU D 136 6.65 -38.58 -11.64
CA LEU D 136 7.86 -38.50 -10.81
C LEU D 136 9.10 -39.08 -11.50
N LEU D 137 10.23 -38.32 -11.51
CA LEU D 137 11.57 -38.68 -12.03
C LEU D 137 12.50 -38.75 -10.79
N ASN D 138 12.64 -39.94 -10.21
CA ASN D 138 13.40 -40.12 -8.97
C ASN D 138 14.91 -40.24 -9.22
N ASN D 139 15.68 -39.61 -8.34
CA ASN D 139 17.14 -39.53 -8.23
C ASN D 139 17.93 -39.71 -9.55
N PHE D 140 17.86 -38.71 -10.44
CA PHE D 140 18.61 -38.72 -11.72
C PHE D 140 19.77 -37.69 -11.72
N TYR D 141 20.64 -37.75 -12.76
CA TYR D 141 21.78 -36.85 -12.99
C TYR D 141 22.32 -37.01 -14.45
N PRO D 142 22.65 -35.92 -15.20
CA PRO D 142 22.51 -34.49 -14.89
C PRO D 142 21.08 -33.99 -14.90
N ARG D 143 20.90 -32.69 -14.55
CA ARG D 143 19.63 -31.99 -14.45
C ARG D 143 18.77 -31.99 -15.78
N GLU D 144 19.39 -32.13 -16.96
CA GLU D 144 18.72 -32.17 -18.27
C GLU D 144 17.81 -33.39 -18.42
N ALA D 145 16.51 -33.12 -18.43
CA ALA D 145 15.39 -34.04 -18.56
C ALA D 145 14.19 -33.38 -19.31
N LYS D 146 13.59 -34.08 -20.29
CA LYS D 146 12.40 -33.62 -21.03
C LYS D 146 11.23 -34.48 -20.59
N VAL D 147 10.14 -33.86 -20.06
CA VAL D 147 8.94 -34.58 -19.63
C VAL D 147 7.78 -34.10 -20.46
N GLN D 148 7.22 -35.01 -21.26
CA GLN D 148 6.10 -34.67 -22.12
C GLN D 148 4.83 -35.36 -21.64
N TRP D 149 3.68 -34.63 -21.62
CA TRP D 149 2.40 -35.24 -21.24
C TRP D 149 1.63 -35.57 -22.52
N LYS D 150 1.06 -36.79 -22.57
CA LYS D 150 0.29 -37.29 -23.70
C LYS D 150 -1.02 -37.86 -23.19
N VAL D 151 -2.15 -37.30 -23.67
CA VAL D 151 -3.50 -37.72 -23.27
C VAL D 151 -4.18 -38.26 -24.52
N ASP D 152 -4.29 -39.61 -24.58
CA ASP D 152 -4.79 -40.36 -25.74
C ASP D 152 -3.92 -40.00 -26.97
N ASN D 153 -2.57 -40.14 -26.82
CA ASN D 153 -1.52 -39.89 -27.84
C ASN D 153 -1.43 -38.41 -28.34
N ALA D 154 -2.12 -37.46 -27.66
CA ALA D 154 -2.07 -36.04 -28.01
C ALA D 154 -1.12 -35.31 -27.03
N LEU D 155 -0.11 -34.57 -27.56
CA LEU D 155 0.85 -33.86 -26.70
C LEU D 155 0.23 -32.62 -26.06
N GLN D 156 0.27 -32.58 -24.72
CA GLN D 156 -0.27 -31.52 -23.87
C GLN D 156 0.66 -30.33 -23.77
N SER D 157 0.07 -29.12 -23.76
CA SER D 157 0.78 -27.86 -23.62
C SER D 157 -0.01 -26.82 -22.77
N GLY D 158 0.72 -26.15 -21.87
CA GLY D 158 0.23 -25.11 -20.98
C GLY D 158 -0.74 -25.56 -19.90
N ASN D 159 -0.60 -26.82 -19.44
CA ASN D 159 -1.46 -27.39 -18.41
C ASN D 159 -0.70 -28.25 -17.40
N SER D 160 0.64 -28.06 -17.33
CA SER D 160 1.54 -28.74 -16.39
C SER D 160 2.57 -27.79 -15.76
N GLN D 161 3.13 -28.21 -14.61
CA GLN D 161 4.12 -27.45 -13.87
C GLN D 161 5.16 -28.40 -13.30
N GLU D 162 6.47 -28.20 -13.66
CA GLU D 162 7.53 -29.04 -13.07
C GLU D 162 8.18 -28.33 -11.85
N SER D 163 8.73 -29.14 -10.93
CA SER D 163 9.38 -28.73 -9.71
C SER D 163 10.58 -29.66 -9.49
N VAL D 164 11.77 -29.06 -9.33
CA VAL D 164 13.04 -29.76 -9.15
C VAL D 164 13.53 -29.58 -7.75
N THR D 165 14.08 -30.66 -7.17
CA THR D 165 14.70 -30.59 -5.85
C THR D 165 16.12 -30.05 -6.05
N GLU D 166 16.75 -29.64 -4.96
CA GLU D 166 18.15 -29.22 -5.03
C GLU D 166 18.96 -30.53 -5.04
N GLN D 167 20.22 -30.47 -5.51
CA GLN D 167 21.12 -31.60 -5.60
C GLN D 167 21.19 -32.30 -4.24
N ASP D 168 20.88 -33.61 -4.20
CA ASP D 168 20.83 -34.41 -2.98
C ASP D 168 22.12 -34.44 -2.19
N SER D 169 22.03 -34.31 -0.86
CA SER D 169 23.17 -34.31 0.07
C SER D 169 23.93 -35.65 0.07
N LYS D 170 23.21 -36.78 -0.17
CA LYS D 170 23.79 -38.12 -0.14
C LYS D 170 24.40 -38.56 -1.49
N ASP D 171 23.57 -38.61 -2.55
CA ASP D 171 23.98 -39.12 -3.86
C ASP D 171 24.12 -38.08 -4.98
N SER D 172 24.12 -36.77 -4.65
CA SER D 172 24.29 -35.64 -5.60
C SER D 172 23.33 -35.68 -6.83
N THR D 173 22.13 -36.21 -6.62
CA THR D 173 21.13 -36.33 -7.69
C THR D 173 19.98 -35.33 -7.54
N TYR D 174 19.18 -35.22 -8.62
CA TYR D 174 17.98 -34.42 -8.73
C TYR D 174 16.74 -35.29 -8.84
N SER D 175 15.64 -34.77 -8.31
CA SER D 175 14.34 -35.38 -8.48
C SER D 175 13.42 -34.29 -9.06
N LEU D 176 12.45 -34.70 -9.88
CA LEU D 176 11.55 -33.79 -10.57
C LEU D 176 10.12 -34.35 -10.52
N SER D 177 9.12 -33.46 -10.36
CA SER D 177 7.73 -33.81 -10.36
C SER D 177 7.06 -32.89 -11.34
N SER D 178 6.43 -33.44 -12.40
CA SER D 178 5.67 -32.66 -13.40
C SER D 178 4.19 -32.96 -13.14
N THR D 179 3.39 -31.94 -12.77
CA THR D 179 1.98 -32.14 -12.46
C THR D 179 1.07 -31.63 -13.57
N LEU D 180 0.23 -32.53 -14.13
CA LEU D 180 -0.79 -32.22 -15.13
C LEU D 180 -2.12 -31.90 -14.40
N THR D 181 -2.66 -30.69 -14.61
CA THR D 181 -3.91 -30.31 -13.94
C THR D 181 -5.01 -30.11 -14.98
N LEU D 182 -6.08 -30.89 -14.79
CA LEU D 182 -7.26 -30.92 -15.64
C LEU D 182 -8.53 -30.87 -14.79
N SER D 183 -9.61 -30.30 -15.37
CA SER D 183 -10.94 -30.27 -14.75
C SER D 183 -11.54 -31.69 -14.88
N LYS D 184 -12.26 -32.18 -13.82
CA LYS D 184 -12.93 -33.50 -13.80
C LYS D 184 -13.61 -33.80 -15.14
N ALA D 185 -14.22 -32.76 -15.77
CA ALA D 185 -14.88 -32.80 -17.08
C ALA D 185 -13.95 -33.34 -18.16
N ASP D 186 -12.83 -32.63 -18.44
CA ASP D 186 -11.81 -32.99 -19.43
C ASP D 186 -11.05 -34.30 -19.11
N TYR D 187 -10.95 -34.65 -17.82
CA TYR D 187 -10.31 -35.90 -17.41
C TYR D 187 -11.16 -37.12 -17.79
N GLU D 188 -12.52 -37.06 -17.56
CA GLU D 188 -13.46 -38.15 -17.90
C GLU D 188 -13.56 -38.38 -19.44
N LYS D 189 -13.30 -37.29 -20.22
CA LYS D 189 -13.32 -37.24 -21.70
C LYS D 189 -12.28 -38.16 -22.41
N HIS D 190 -11.22 -38.63 -21.70
CA HIS D 190 -10.11 -39.42 -22.26
C HIS D 190 -9.75 -40.66 -21.44
N LYS D 191 -9.01 -41.64 -22.06
CA LYS D 191 -8.64 -42.93 -21.44
C LYS D 191 -7.17 -43.11 -21.03
N VAL D 192 -6.23 -42.95 -22.01
CA VAL D 192 -4.78 -43.15 -21.83
C VAL D 192 -4.05 -41.86 -21.43
N TYR D 193 -3.46 -41.88 -20.23
CA TYR D 193 -2.70 -40.78 -19.66
C TYR D 193 -1.23 -41.19 -19.55
N ALA D 194 -0.34 -40.53 -20.28
CA ALA D 194 1.07 -40.92 -20.27
C ALA D 194 2.08 -39.80 -20.19
N CYS D 195 3.18 -40.03 -19.47
CA CYS D 195 4.29 -39.08 -19.49
C CYS D 195 5.51 -39.74 -20.11
N GLU D 196 6.19 -39.04 -21.01
CA GLU D 196 7.35 -39.52 -21.75
C GLU D 196 8.66 -38.75 -21.38
N VAL D 197 9.47 -39.38 -20.50
CA VAL D 197 10.78 -38.92 -19.99
C VAL D 197 11.93 -39.17 -21.01
N THR D 198 12.77 -38.15 -21.23
CA THR D 198 13.92 -38.21 -22.15
C THR D 198 15.20 -37.77 -21.38
N HIS D 199 15.94 -38.73 -20.81
CA HIS D 199 17.18 -38.47 -20.08
C HIS D 199 18.34 -39.23 -20.75
N GLN D 200 19.58 -38.70 -20.65
CA GLN D 200 20.78 -39.31 -21.23
C GLN D 200 21.25 -40.59 -20.53
N GLY D 201 20.61 -40.95 -19.43
CA GLY D 201 20.92 -42.17 -18.71
C GLY D 201 20.06 -43.31 -19.20
N LEU D 202 19.03 -43.00 -20.01
CA LEU D 202 18.06 -43.94 -20.56
C LEU D 202 18.32 -44.29 -22.01
N SER D 203 18.21 -45.61 -22.33
CA SER D 203 18.41 -46.23 -23.65
C SER D 203 17.51 -45.71 -24.75
N SER D 204 16.32 -45.22 -24.38
CA SER D 204 15.33 -44.61 -25.29
C SER D 204 14.30 -43.87 -24.43
N PRO D 205 13.45 -42.93 -24.97
CA PRO D 205 12.42 -42.30 -24.11
C PRO D 205 11.54 -43.33 -23.41
N VAL D 206 11.44 -43.19 -22.09
CA VAL D 206 10.69 -44.07 -21.20
C VAL D 206 9.28 -43.47 -21.03
N THR D 207 8.25 -44.28 -21.27
CA THR D 207 6.85 -43.88 -21.13
C THR D 207 6.20 -44.73 -20.03
N LYS D 208 5.58 -44.03 -19.10
CA LYS D 208 4.86 -44.65 -18.01
C LYS D 208 3.45 -44.10 -18.14
N SER D 209 2.50 -45.02 -18.23
CA SER D 209 1.13 -44.66 -18.47
C SER D 209 0.11 -45.42 -17.63
N PHE D 210 -1.15 -45.01 -17.77
CA PHE D 210 -2.33 -45.59 -17.14
C PHE D 210 -3.60 -45.35 -17.99
N ASN D 211 -4.62 -46.14 -17.69
CA ASN D 211 -5.96 -46.10 -18.25
C ASN D 211 -6.84 -46.12 -16.99
N ARG D 212 -8.01 -45.48 -17.04
CA ARG D 212 -8.91 -45.34 -15.88
C ARG D 212 -9.59 -46.65 -15.35
N GLY D 213 -8.78 -47.53 -14.73
CA GLY D 213 -9.20 -48.79 -14.14
C GLY D 213 -8.16 -49.36 -13.22
N GLU E 1 -30.56 27.53 -6.22
CA GLU E 1 -29.12 27.76 -6.15
C GLU E 1 -28.34 26.88 -7.16
N ILE E 2 -27.03 26.71 -6.93
CA ILE E 2 -26.10 25.93 -7.76
C ILE E 2 -26.34 24.44 -7.52
N VAL E 3 -26.59 23.66 -8.59
CA VAL E 3 -26.85 22.23 -8.45
C VAL E 3 -25.91 21.42 -9.32
N LEU E 4 -25.12 20.54 -8.70
CA LEU E 4 -24.16 19.70 -9.39
C LEU E 4 -24.70 18.31 -9.63
N THR E 5 -24.87 17.98 -10.90
CA THR E 5 -25.39 16.72 -11.36
C THR E 5 -24.28 15.96 -12.07
N GLN E 6 -23.87 14.83 -11.48
CA GLN E 6 -22.79 13.96 -12.00
C GLN E 6 -23.33 12.78 -12.80
N SER E 7 -22.61 12.38 -13.85
CA SER E 7 -23.02 11.25 -14.68
C SER E 7 -21.78 10.42 -15.05
N PRO E 8 -21.82 9.07 -15.05
CA PRO E 8 -22.99 8.18 -14.86
C PRO E 8 -23.65 8.21 -13.48
N GLY E 9 -23.10 7.45 -12.57
CA GLY E 9 -23.58 7.18 -11.23
C GLY E 9 -22.78 5.98 -10.83
N THR E 10 -22.52 5.11 -11.85
CA THR E 10 -21.65 3.93 -11.82
C THR E 10 -20.96 3.79 -13.15
N LEU E 11 -19.67 3.54 -13.06
CA LEU E 11 -18.81 3.38 -14.21
C LEU E 11 -18.06 2.10 -13.98
N SER E 12 -18.38 1.08 -14.77
CA SER E 12 -17.75 -0.23 -14.70
C SER E 12 -16.72 -0.31 -15.83
N LEU E 13 -15.46 -0.34 -15.44
CA LEU E 13 -14.30 -0.41 -16.34
C LEU E 13 -13.26 -1.35 -15.71
N SER E 14 -12.35 -1.87 -16.50
CA SER E 14 -11.32 -2.79 -16.01
C SER E 14 -10.00 -2.06 -15.72
N PRO E 15 -9.11 -2.58 -14.83
CA PRO E 15 -7.82 -1.91 -14.61
C PRO E 15 -7.02 -1.69 -15.90
N GLY E 16 -6.36 -0.53 -16.00
CA GLY E 16 -5.60 -0.10 -17.17
C GLY E 16 -6.39 0.78 -18.12
N GLU E 17 -7.74 0.71 -18.03
CA GLU E 17 -8.66 1.46 -18.87
C GLU E 17 -8.75 2.95 -18.50
N ARG E 18 -9.19 3.77 -19.45
CA ARG E 18 -9.36 5.21 -19.24
C ARG E 18 -10.75 5.49 -18.68
N ALA E 19 -10.81 6.27 -17.59
CA ALA E 19 -12.06 6.69 -16.94
C ALA E 19 -12.31 8.15 -17.16
N THR E 20 -13.55 8.49 -17.53
CA THR E 20 -14.03 9.84 -17.78
C THR E 20 -15.32 10.03 -16.99
N LEU E 21 -15.28 10.92 -15.98
CA LEU E 21 -16.37 11.25 -15.06
C LEU E 21 -16.85 12.67 -15.37
N SER E 22 -18.17 12.87 -15.40
CA SER E 22 -18.79 14.16 -15.69
C SER E 22 -19.40 14.82 -14.48
N CYS E 23 -19.50 16.16 -14.53
CA CYS E 23 -20.07 17.06 -13.53
C CYS E 23 -20.68 18.20 -14.29
N ARG E 24 -22.01 18.28 -14.30
CA ARG E 24 -22.73 19.36 -14.98
C ARG E 24 -23.40 20.25 -13.92
N ALA E 25 -23.18 21.56 -14.04
CA ALA E 25 -23.72 22.56 -13.14
C ALA E 25 -25.02 23.12 -13.68
N SER E 26 -25.95 23.46 -12.77
CA SER E 26 -27.27 24.02 -13.05
C SER E 26 -27.16 25.43 -13.67
N GLN E 27 -26.04 26.10 -13.45
CA GLN E 27 -25.74 27.45 -13.96
C GLN E 27 -24.23 27.60 -14.14
N SER E 28 -23.81 28.56 -14.99
CA SER E 28 -22.40 28.88 -15.26
C SER E 28 -21.69 29.15 -13.93
N VAL E 29 -20.48 28.57 -13.79
CA VAL E 29 -19.71 28.57 -12.56
C VAL E 29 -18.20 28.90 -12.76
N SER E 30 -17.54 29.48 -11.72
CA SER E 30 -16.10 29.80 -11.82
C SER E 30 -15.27 28.53 -11.76
N SER E 31 -14.21 28.47 -12.57
CA SER E 31 -13.33 27.31 -12.62
C SER E 31 -12.48 27.23 -11.39
N SER E 32 -12.30 28.38 -10.70
CA SER E 32 -11.51 28.52 -9.48
C SER E 32 -12.13 27.71 -8.34
N TYR E 33 -13.46 27.69 -8.30
CA TYR E 33 -14.24 27.07 -7.24
C TYR E 33 -14.62 25.62 -7.49
N LEU E 34 -14.17 25.05 -8.63
CA LEU E 34 -14.46 23.64 -8.91
C LEU E 34 -13.38 22.69 -8.40
N ALA E 35 -13.82 21.72 -7.58
CA ALA E 35 -12.97 20.69 -6.99
C ALA E 35 -13.54 19.27 -7.13
N TRP E 36 -12.65 18.27 -7.11
CA TRP E 36 -13.00 16.85 -7.18
C TRP E 36 -12.39 16.15 -5.99
N TYR E 37 -13.19 15.28 -5.35
CA TYR E 37 -12.78 14.48 -4.18
C TYR E 37 -12.95 13.02 -4.49
N GLN E 38 -12.11 12.19 -3.90
CA GLN E 38 -12.14 10.73 -3.97
C GLN E 38 -12.46 10.17 -2.58
N GLN E 39 -13.37 9.20 -2.52
CA GLN E 39 -13.68 8.60 -1.24
C GLN E 39 -13.65 7.09 -1.35
N LYS E 40 -12.62 6.46 -0.76
CA LYS E 40 -12.54 4.98 -0.74
C LYS E 40 -13.62 4.45 0.24
N PRO E 41 -14.18 3.23 0.11
CA PRO E 41 -15.24 2.81 1.06
C PRO E 41 -14.77 2.75 2.52
N GLY E 42 -15.58 3.33 3.40
CA GLY E 42 -15.29 3.39 4.83
C GLY E 42 -14.11 4.28 5.22
N GLN E 43 -13.73 5.21 4.33
CA GLN E 43 -12.63 6.15 4.52
C GLN E 43 -13.12 7.57 4.29
N ALA E 44 -12.31 8.57 4.70
CA ALA E 44 -12.66 9.97 4.54
C ALA E 44 -12.42 10.46 3.09
N PRO E 45 -13.17 11.49 2.62
CA PRO E 45 -12.87 12.05 1.29
C PRO E 45 -11.47 12.67 1.27
N ARG E 46 -10.86 12.74 0.09
CA ARG E 46 -9.57 13.39 -0.10
C ARG E 46 -9.62 14.23 -1.36
N LEU E 47 -8.99 15.42 -1.34
CA LEU E 47 -8.96 16.31 -2.50
C LEU E 47 -8.05 15.70 -3.56
N LEU E 48 -8.52 15.75 -4.82
CA LEU E 48 -7.81 15.31 -6.02
C LEU E 48 -7.45 16.54 -6.86
N ILE E 49 -8.48 17.31 -7.24
CA ILE E 49 -8.34 18.46 -8.14
C ILE E 49 -8.98 19.68 -7.56
N TYR E 50 -8.29 20.82 -7.59
CA TYR E 50 -8.83 22.10 -7.17
C TYR E 50 -8.71 23.08 -8.34
N GLY E 51 -9.54 24.12 -8.37
CA GLY E 51 -9.47 25.13 -9.42
C GLY E 51 -9.67 24.57 -10.81
N ALA E 52 -10.49 23.49 -10.89
CA ALA E 52 -10.96 22.72 -12.06
C ALA E 52 -9.91 21.85 -12.72
N SER E 53 -8.65 22.30 -12.83
CA SER E 53 -7.55 21.59 -13.52
C SER E 53 -6.28 21.32 -12.68
N SER E 54 -6.12 22.02 -11.52
CA SER E 54 -4.94 21.91 -10.68
C SER E 54 -5.05 20.69 -9.82
N ARG E 55 -3.97 19.97 -9.73
CA ARG E 55 -3.87 18.72 -9.03
C ARG E 55 -3.40 18.96 -7.60
N ALA E 56 -4.16 18.46 -6.60
CA ALA E 56 -3.84 18.58 -5.16
C ALA E 56 -2.51 17.87 -4.83
N THR E 57 -1.89 18.22 -3.70
CA THR E 57 -0.60 17.65 -3.29
C THR E 57 -0.60 16.11 -3.22
N GLY E 58 0.43 15.51 -3.83
CA GLY E 58 0.62 14.06 -3.86
C GLY E 58 -0.39 13.28 -4.68
N ILE E 59 -1.03 13.95 -5.65
CA ILE E 59 -2.02 13.29 -6.49
C ILE E 59 -1.36 12.85 -7.81
N PRO E 60 -1.31 11.51 -8.04
CA PRO E 60 -0.76 10.96 -9.30
C PRO E 60 -1.16 11.66 -10.60
N ASP E 61 -0.22 11.68 -11.58
CA ASP E 61 -0.41 12.31 -12.89
C ASP E 61 -1.56 11.72 -13.73
N ARG E 62 -2.03 10.49 -13.40
CA ARG E 62 -3.14 9.87 -14.13
C ARG E 62 -4.46 10.63 -13.93
N PHE E 63 -4.55 11.33 -12.79
CA PHE E 63 -5.68 12.19 -12.46
C PHE E 63 -5.49 13.54 -13.15
N SER E 64 -6.47 13.91 -14.00
CA SER E 64 -6.49 15.14 -14.77
C SER E 64 -7.89 15.74 -14.68
N GLY E 65 -7.95 17.06 -14.51
CA GLY E 65 -9.20 17.79 -14.41
C GLY E 65 -9.32 18.83 -15.51
N SER E 66 -10.53 18.99 -16.07
CA SER E 66 -10.80 19.94 -17.16
C SER E 66 -12.25 20.37 -17.20
N GLY E 67 -12.51 21.40 -17.99
CA GLY E 67 -13.85 21.95 -18.18
C GLY E 67 -13.93 23.42 -17.88
N SER E 68 -15.07 24.03 -18.23
CA SER E 68 -15.43 25.44 -17.98
C SER E 68 -16.95 25.64 -18.08
N GLY E 69 -17.43 26.78 -17.59
CA GLY E 69 -18.84 27.12 -17.64
C GLY E 69 -19.73 26.25 -16.79
N THR E 70 -20.32 25.21 -17.41
CA THR E 70 -21.23 24.27 -16.73
C THR E 70 -20.76 22.83 -16.81
N ASP E 71 -19.95 22.47 -17.83
CA ASP E 71 -19.50 21.08 -17.98
C ASP E 71 -18.05 20.88 -17.58
N PHE E 72 -17.85 20.03 -16.55
CA PHE E 72 -16.55 19.67 -15.98
C PHE E 72 -16.32 18.16 -16.05
N THR E 73 -15.04 17.75 -16.07
CA THR E 73 -14.65 16.35 -16.27
C THR E 73 -13.42 15.95 -15.49
N LEU E 74 -13.51 14.80 -14.83
CA LEU E 74 -12.37 14.21 -14.16
C LEU E 74 -11.97 13.02 -15.04
N THR E 75 -10.67 12.91 -15.34
CA THR E 75 -10.12 11.86 -16.16
C THR E 75 -9.07 11.05 -15.40
N ILE E 76 -9.10 9.73 -15.56
CA ILE E 76 -8.10 8.81 -14.99
C ILE E 76 -7.57 8.07 -16.24
N SER E 77 -6.40 8.52 -16.77
CA SER E 77 -5.78 7.99 -17.98
C SER E 77 -5.59 6.45 -17.99
N ARG E 78 -5.27 5.83 -16.83
CA ARG E 78 -5.07 4.40 -16.65
C ARG E 78 -5.51 4.03 -15.21
N LEU E 79 -6.60 3.25 -15.09
CA LEU E 79 -7.11 2.86 -13.77
C LEU E 79 -6.24 1.84 -13.06
N GLU E 80 -5.83 2.17 -11.83
CA GLU E 80 -5.05 1.27 -10.99
C GLU E 80 -6.03 0.60 -9.99
N PRO E 81 -5.64 -0.46 -9.23
CA PRO E 81 -6.61 -1.09 -8.30
C PRO E 81 -7.19 -0.12 -7.26
N GLU E 82 -6.32 0.75 -6.73
CA GLU E 82 -6.63 1.75 -5.72
C GLU E 82 -7.69 2.79 -6.19
N ASP E 83 -7.76 3.04 -7.52
CA ASP E 83 -8.63 4.02 -8.17
C ASP E 83 -10.14 3.70 -8.16
N PHE E 84 -10.50 2.49 -7.77
CA PHE E 84 -11.92 2.14 -7.70
C PHE E 84 -12.50 2.66 -6.37
N ALA E 85 -13.35 3.74 -6.46
CA ALA E 85 -13.97 4.47 -5.34
C ALA E 85 -15.07 5.43 -5.80
N VAL E 86 -15.57 6.29 -4.89
CA VAL E 86 -16.61 7.28 -5.22
C VAL E 86 -15.95 8.62 -5.45
N TYR E 87 -16.49 9.38 -6.41
CA TYR E 87 -15.95 10.65 -6.79
C TYR E 87 -17.01 11.69 -6.72
N TYR E 88 -16.75 12.74 -5.92
CA TYR E 88 -17.69 13.85 -5.76
C TYR E 88 -17.08 15.12 -6.35
N CYS E 89 -17.88 15.89 -7.08
CA CYS E 89 -17.41 17.16 -7.55
C CYS E 89 -18.03 18.19 -6.61
N GLN E 90 -17.39 19.34 -6.43
CA GLN E 90 -17.82 20.34 -5.48
C GLN E 90 -17.67 21.70 -6.10
N GLN E 91 -18.46 22.66 -5.65
CA GLN E 91 -18.41 24.05 -6.09
C GLN E 91 -18.75 25.00 -4.90
N TYR E 92 -18.33 26.28 -4.98
CA TYR E 92 -18.66 27.34 -4.03
C TYR E 92 -19.29 28.47 -4.82
N GLY E 93 -20.26 29.13 -4.21
CA GLY E 93 -20.96 30.26 -4.80
C GLY E 93 -22.03 30.77 -3.86
N SER E 94 -22.33 32.08 -3.94
CA SER E 94 -23.35 32.77 -3.11
C SER E 94 -23.28 32.31 -1.63
N SER E 95 -22.07 32.44 -1.04
CA SER E 95 -21.74 32.12 0.35
C SER E 95 -21.99 30.65 0.78
N THR E 96 -22.25 29.71 -0.19
CA THR E 96 -22.48 28.31 0.16
C THR E 96 -21.67 27.35 -0.72
N TRP E 97 -21.29 26.16 -0.15
CA TRP E 97 -20.55 25.04 -0.76
C TRP E 97 -21.54 23.92 -1.17
N THR E 98 -21.46 23.41 -2.42
CA THR E 98 -22.33 22.37 -2.96
C THR E 98 -21.53 21.18 -3.46
N PHE E 99 -22.04 19.96 -3.23
CA PHE E 99 -21.41 18.73 -3.68
C PHE E 99 -22.29 18.00 -4.70
N GLY E 100 -21.65 17.15 -5.51
CA GLY E 100 -22.32 16.31 -6.49
C GLY E 100 -22.75 15.05 -5.76
N GLN E 101 -23.66 14.26 -6.37
CA GLN E 101 -24.18 13.07 -5.71
C GLN E 101 -23.20 11.86 -5.74
N GLY E 102 -22.11 11.98 -6.50
CA GLY E 102 -21.10 10.95 -6.63
C GLY E 102 -21.24 10.11 -7.89
N THR E 103 -20.14 9.42 -8.26
CA THR E 103 -20.02 8.47 -9.34
C THR E 103 -19.15 7.33 -8.77
N LYS E 104 -19.70 6.09 -8.68
CA LYS E 104 -18.89 4.95 -8.22
C LYS E 104 -18.09 4.43 -9.43
N VAL E 105 -16.84 4.00 -9.18
CA VAL E 105 -16.01 3.44 -10.22
C VAL E 105 -15.78 2.00 -9.81
N GLU E 106 -16.56 1.12 -10.42
CA GLU E 106 -16.62 -0.30 -10.16
C GLU E 106 -15.70 -1.06 -11.13
N ILE E 107 -15.22 -2.26 -10.73
CA ILE E 107 -14.32 -3.08 -11.55
C ILE E 107 -15.15 -3.94 -12.50
N LYS E 108 -15.04 -3.71 -13.85
CA LYS E 108 -15.71 -4.56 -14.85
C LYS E 108 -14.98 -5.89 -14.86
N ARG E 109 -15.75 -6.98 -14.87
CA ARG E 109 -15.25 -8.34 -14.91
C ARG E 109 -16.30 -9.18 -15.66
N THR E 110 -15.94 -10.43 -16.00
CA THR E 110 -16.87 -11.31 -16.69
C THR E 110 -18.09 -11.61 -15.85
N VAL E 111 -19.24 -11.76 -16.50
CA VAL E 111 -20.46 -12.11 -15.81
C VAL E 111 -20.17 -13.44 -15.07
N ALA E 112 -20.61 -13.49 -13.81
CA ALA E 112 -20.49 -14.63 -12.89
C ALA E 112 -21.86 -14.77 -12.26
N ALA E 113 -22.39 -15.99 -12.26
CA ALA E 113 -23.71 -16.26 -11.71
C ALA E 113 -23.62 -16.58 -10.21
N PRO E 114 -24.65 -16.19 -9.43
CA PRO E 114 -24.59 -16.47 -7.99
C PRO E 114 -24.82 -17.95 -7.67
N SER E 115 -24.17 -18.45 -6.62
CA SER E 115 -24.43 -19.77 -6.06
C SER E 115 -25.52 -19.39 -5.04
N VAL E 116 -26.74 -19.92 -5.18
CA VAL E 116 -27.85 -19.56 -4.27
C VAL E 116 -27.96 -20.58 -3.11
N PHE E 117 -28.29 -20.11 -1.89
CA PHE E 117 -28.46 -20.95 -0.69
C PHE E 117 -29.59 -20.40 0.18
N ILE E 118 -30.49 -21.27 0.67
CA ILE E 118 -31.58 -20.90 1.58
C ILE E 118 -31.33 -21.52 2.96
N PHE E 119 -31.63 -20.76 4.03
CA PHE E 119 -31.47 -21.19 5.41
C PHE E 119 -32.78 -20.98 6.16
N PRO E 120 -33.29 -22.05 6.81
CA PRO E 120 -34.54 -21.92 7.58
C PRO E 120 -34.29 -21.34 9.00
N PRO E 121 -35.33 -20.82 9.71
CA PRO E 121 -35.09 -20.33 11.08
C PRO E 121 -34.64 -21.44 12.05
N SER E 122 -33.61 -21.18 12.87
CA SER E 122 -33.11 -22.13 13.87
C SER E 122 -34.18 -22.46 14.92
N ASP E 123 -34.00 -23.61 15.63
CA ASP E 123 -34.94 -24.04 16.68
C ASP E 123 -34.88 -23.06 17.86
N GLU E 124 -33.66 -22.59 18.23
CA GLU E 124 -33.42 -21.58 19.29
C GLU E 124 -34.22 -20.31 19.01
N GLN E 125 -34.18 -19.81 17.75
CA GLN E 125 -34.88 -18.61 17.31
C GLN E 125 -36.37 -18.81 17.32
N LEU E 126 -36.84 -20.01 16.95
CA LEU E 126 -38.26 -20.31 16.91
C LEU E 126 -38.90 -20.38 18.31
N LYS E 127 -38.08 -20.65 19.38
CA LYS E 127 -38.52 -20.67 20.79
C LYS E 127 -39.06 -19.27 21.13
N SER E 128 -38.33 -18.19 20.73
CA SER E 128 -38.80 -16.81 20.84
C SER E 128 -39.80 -16.62 19.68
N GLY E 129 -40.79 -15.76 19.84
CA GLY E 129 -41.87 -15.60 18.86
C GLY E 129 -41.57 -15.06 17.47
N THR E 130 -40.33 -15.28 16.93
CA THR E 130 -39.91 -14.78 15.61
C THR E 130 -39.11 -15.84 14.81
N ALA E 131 -39.31 -15.83 13.47
CA ALA E 131 -38.68 -16.68 12.44
C ALA E 131 -38.03 -15.81 11.33
N SER E 132 -36.73 -16.05 11.11
CA SER E 132 -35.91 -15.36 10.12
C SER E 132 -35.39 -16.37 9.09
N VAL E 133 -35.86 -16.22 7.84
CA VAL E 133 -35.47 -17.05 6.71
C VAL E 133 -34.43 -16.28 5.89
N VAL E 134 -33.27 -16.90 5.62
CA VAL E 134 -32.16 -16.26 4.92
C VAL E 134 -31.84 -16.87 3.53
N CYS E 135 -31.81 -16.01 2.50
CA CYS E 135 -31.46 -16.35 1.13
C CYS E 135 -30.07 -15.73 0.79
N LEU E 136 -29.03 -16.57 0.56
CA LEU E 136 -27.66 -16.17 0.24
C LEU E 136 -27.35 -16.31 -1.27
N LEU E 137 -26.80 -15.23 -1.89
CA LEU E 137 -26.34 -15.14 -3.30
C LEU E 137 -24.81 -14.98 -3.25
N ASN E 138 -24.07 -16.10 -3.31
CA ASN E 138 -22.62 -16.08 -3.17
C ASN E 138 -21.89 -15.72 -4.48
N ASN E 139 -20.83 -14.90 -4.32
CA ASN E 139 -19.89 -14.38 -5.31
C ASN E 139 -20.43 -14.27 -6.76
N PHE E 140 -21.33 -13.30 -6.99
CA PHE E 140 -21.88 -13.00 -8.32
C PHE E 140 -21.36 -11.67 -8.89
N TYR E 141 -21.67 -11.38 -10.18
CA TYR E 141 -21.32 -10.16 -10.91
C TYR E 141 -22.13 -10.03 -12.24
N PRO E 142 -22.73 -8.86 -12.60
CA PRO E 142 -22.77 -7.57 -11.89
C PRO E 142 -23.68 -7.55 -10.67
N ARG E 143 -23.69 -6.42 -9.90
CA ARG E 143 -24.49 -6.24 -8.67
C ARG E 143 -26.02 -6.49 -8.88
N GLU E 144 -26.55 -6.17 -10.09
CA GLU E 144 -27.97 -6.35 -10.41
C GLU E 144 -28.46 -7.80 -10.24
N ALA E 145 -29.32 -7.94 -9.22
CA ALA E 145 -29.92 -9.20 -8.77
C ALA E 145 -31.32 -8.92 -8.16
N LYS E 146 -32.34 -9.71 -8.57
CA LYS E 146 -33.72 -9.63 -8.04
C LYS E 146 -33.92 -10.86 -7.19
N VAL E 147 -34.29 -10.67 -5.91
CA VAL E 147 -34.55 -11.76 -4.97
C VAL E 147 -35.99 -11.63 -4.53
N GLN E 148 -36.79 -12.61 -4.88
CA GLN E 148 -38.20 -12.61 -4.55
C GLN E 148 -38.49 -13.71 -3.53
N TRP E 149 -39.30 -13.42 -2.50
CA TRP E 149 -39.67 -14.41 -1.48
C TRP E 149 -41.07 -14.92 -1.82
N LYS E 150 -41.25 -16.25 -1.77
CA LYS E 150 -42.52 -16.92 -2.05
C LYS E 150 -42.80 -17.91 -0.92
N VAL E 151 -43.95 -17.72 -0.25
CA VAL E 151 -44.38 -18.54 0.89
C VAL E 151 -45.66 -19.25 0.46
N ASP E 152 -45.55 -20.57 0.14
CA ASP E 152 -46.59 -21.40 -0.43
C ASP E 152 -47.09 -20.75 -1.73
N ASN E 153 -46.14 -20.46 -2.67
CA ASN E 153 -46.36 -19.85 -4.01
C ASN E 153 -46.96 -18.39 -3.99
N ALA E 154 -47.00 -17.74 -2.81
CA ALA E 154 -47.50 -16.36 -2.66
C ALA E 154 -46.29 -15.40 -2.56
N LEU E 155 -46.21 -14.37 -3.46
CA LEU E 155 -45.09 -13.41 -3.44
C LEU E 155 -45.18 -12.44 -2.25
N GLN E 156 -44.12 -12.45 -1.43
CA GLN E 156 -43.96 -11.63 -0.24
C GLN E 156 -43.50 -10.20 -0.57
N SER E 157 -44.04 -9.22 0.18
CA SER E 157 -43.72 -7.80 0.06
C SER E 157 -43.71 -7.07 1.43
N GLY E 158 -42.68 -6.24 1.62
CA GLY E 158 -42.47 -5.42 2.81
C GLY E 158 -42.12 -6.16 4.07
N ASN E 159 -41.46 -7.32 3.93
CA ASN E 159 -41.09 -8.17 5.07
C ASN E 159 -39.71 -8.79 4.94
N SER E 160 -38.87 -8.20 4.05
CA SER E 160 -37.48 -8.61 3.84
C SER E 160 -36.51 -7.42 3.72
N GLN E 161 -35.22 -7.69 3.95
CA GLN E 161 -34.17 -6.70 3.89
C GLN E 161 -32.91 -7.30 3.27
N GLU E 162 -32.40 -6.69 2.17
CA GLU E 162 -31.16 -7.18 1.56
C GLU E 162 -29.92 -6.35 2.04
N SER E 163 -28.73 -6.99 2.00
CA SER E 163 -27.45 -6.46 2.41
C SER E 163 -26.37 -6.99 1.43
N VAL E 164 -25.62 -6.06 0.83
CA VAL E 164 -24.60 -6.35 -0.18
C VAL E 164 -23.22 -6.11 0.38
N THR E 165 -22.28 -6.99 0.03
CA THR E 165 -20.88 -6.81 0.40
C THR E 165 -20.25 -5.82 -0.59
N GLU E 166 -19.04 -5.35 -0.27
CA GLU E 166 -18.30 -4.51 -1.20
C GLU E 166 -17.65 -5.46 -2.22
N GLN E 167 -17.29 -4.94 -3.43
CA GLN E 167 -16.68 -5.74 -4.50
C GLN E 167 -15.46 -6.44 -3.96
N ASP E 168 -15.40 -7.78 -4.07
CA ASP E 168 -14.31 -8.60 -3.53
C ASP E 168 -12.93 -8.24 -4.05
N SER E 169 -11.94 -8.18 -3.15
CA SER E 169 -10.55 -7.85 -3.46
C SER E 169 -9.88 -8.88 -4.43
N LYS E 170 -10.27 -10.16 -4.33
CA LYS E 170 -9.71 -11.23 -5.14
C LYS E 170 -10.37 -11.41 -6.51
N ASP E 171 -11.70 -11.69 -6.52
CA ASP E 171 -12.44 -12.02 -7.74
C ASP E 171 -13.42 -10.97 -8.22
N SER E 172 -13.39 -9.74 -7.67
CA SER E 172 -14.23 -8.58 -8.04
C SER E 172 -15.75 -8.88 -8.08
N THR E 173 -16.19 -9.75 -7.18
CA THR E 173 -17.60 -10.14 -7.09
C THR E 173 -18.30 -9.56 -5.86
N TYR E 174 -19.64 -9.66 -5.89
CA TYR E 174 -20.56 -9.26 -4.83
C TYR E 174 -21.26 -10.47 -4.22
N SER E 175 -21.61 -10.34 -2.95
CA SER E 175 -22.43 -11.31 -2.26
C SER E 175 -23.60 -10.52 -1.65
N LEU E 176 -24.77 -11.17 -1.55
CA LEU E 176 -26.00 -10.55 -1.07
C LEU E 176 -26.74 -11.52 -0.16
N SER E 177 -27.37 -11.00 0.89
CA SER E 177 -28.17 -11.77 1.84
C SER E 177 -29.49 -11.05 1.95
N SER E 178 -30.60 -11.72 1.61
CA SER E 178 -31.97 -11.18 1.74
C SER E 178 -32.63 -11.94 2.89
N THR E 179 -33.03 -11.23 3.96
CA THR E 179 -33.62 -11.86 5.15
C THR E 179 -35.12 -11.60 5.24
N LEU E 180 -35.92 -12.70 5.26
CA LEU E 180 -37.38 -12.69 5.43
C LEU E 180 -37.69 -12.81 6.94
N THR E 181 -38.41 -11.83 7.50
CA THR E 181 -38.73 -11.87 8.94
C THR E 181 -40.24 -11.98 9.11
N LEU E 182 -40.61 -13.06 9.82
CA LEU E 182 -41.98 -13.44 10.13
C LEU E 182 -42.13 -13.78 11.60
N SER E 183 -43.36 -13.58 12.15
CA SER E 183 -43.69 -13.97 13.52
C SER E 183 -43.88 -15.49 13.54
N LYS E 184 -43.41 -16.19 14.61
CA LYS E 184 -43.57 -17.66 14.81
C LYS E 184 -44.98 -18.14 14.39
N ALA E 185 -46.02 -17.33 14.68
CA ALA E 185 -47.42 -17.56 14.33
C ALA E 185 -47.58 -17.79 12.83
N ASP E 186 -47.24 -16.77 12.00
CA ASP E 186 -47.33 -16.78 10.53
C ASP E 186 -46.38 -17.78 9.87
N TYR E 187 -45.24 -18.09 10.51
CA TYR E 187 -44.30 -19.08 10.00
C TYR E 187 -44.89 -20.52 10.08
N GLU E 188 -45.54 -20.89 11.24
CA GLU E 188 -46.18 -22.21 11.44
C GLU E 188 -47.38 -22.43 10.47
N LYS E 189 -48.04 -21.33 10.06
CA LYS E 189 -49.20 -21.27 9.15
C LYS E 189 -48.95 -21.79 7.71
N HIS E 190 -47.67 -21.90 7.26
CA HIS E 190 -47.29 -22.29 5.89
C HIS E 190 -46.20 -23.38 5.82
N LYS E 191 -46.05 -24.06 4.66
CA LYS E 191 -45.11 -25.17 4.44
C LYS E 191 -43.88 -24.88 3.56
N VAL E 192 -44.09 -24.42 2.31
CA VAL E 192 -43.04 -24.14 1.31
C VAL E 192 -42.52 -22.70 1.35
N TYR E 193 -41.23 -22.57 1.68
CA TYR E 193 -40.53 -21.30 1.76
C TYR E 193 -39.48 -21.23 0.66
N ALA E 194 -39.65 -20.32 -0.30
CA ALA E 194 -38.73 -20.25 -1.43
C ALA E 194 -38.25 -18.86 -1.82
N CYS E 195 -36.96 -18.76 -2.22
CA CYS E 195 -36.47 -17.50 -2.78
C CYS E 195 -36.11 -17.70 -4.24
N GLU E 196 -36.55 -16.77 -5.10
CA GLU E 196 -36.36 -16.81 -6.55
C GLU E 196 -35.41 -15.67 -7.06
N VAL E 197 -34.14 -16.06 -7.29
CA VAL E 197 -33.02 -15.23 -7.78
C VAL E 197 -33.09 -15.02 -9.32
N THR E 198 -32.95 -13.76 -9.77
CA THR E 198 -32.99 -13.38 -11.19
C THR E 198 -31.69 -12.57 -11.51
N HIS E 199 -30.64 -13.28 -11.96
CA HIS E 199 -29.36 -12.68 -12.32
C HIS E 199 -29.09 -12.96 -13.80
N GLN E 200 -28.34 -12.07 -14.48
CA GLN E 200 -28.01 -12.21 -15.90
C GLN E 200 -26.98 -13.32 -16.21
N GLY E 201 -26.44 -13.94 -15.17
CA GLY E 201 -25.50 -15.04 -15.31
C GLY E 201 -26.22 -16.36 -15.33
N LEU E 202 -27.52 -16.34 -14.97
CA LEU E 202 -28.42 -17.50 -14.90
C LEU E 202 -29.35 -17.56 -16.10
N SER E 203 -29.46 -18.75 -16.73
CA SER E 203 -30.29 -19.02 -17.92
C SER E 203 -31.78 -18.69 -17.73
N SER E 204 -32.28 -18.86 -16.49
CA SER E 204 -33.65 -18.59 -16.08
C SER E 204 -33.68 -18.43 -14.54
N PRO E 205 -34.73 -17.77 -13.95
CA PRO E 205 -34.75 -17.64 -12.48
C PRO E 205 -34.53 -18.96 -11.75
N VAL E 206 -33.58 -18.92 -10.80
CA VAL E 206 -33.18 -20.04 -9.94
C VAL E 206 -33.96 -19.94 -8.64
N THR E 207 -34.62 -21.04 -8.24
CA THR E 207 -35.39 -21.12 -7.00
C THR E 207 -34.76 -22.16 -6.06
N LYS E 208 -34.39 -21.73 -4.84
CA LYS E 208 -33.85 -22.54 -3.76
C LYS E 208 -34.91 -22.51 -2.62
N SER E 209 -35.49 -23.68 -2.27
CA SER E 209 -36.58 -23.77 -1.31
C SER E 209 -36.41 -24.85 -0.22
N PHE E 210 -37.35 -24.87 0.74
CA PHE E 210 -37.48 -25.81 1.84
C PHE E 210 -38.94 -25.95 2.30
N ASN E 211 -39.19 -27.04 3.03
CA ASN E 211 -40.45 -27.40 3.66
C ASN E 211 -40.03 -27.73 5.09
N ARG E 212 -40.90 -27.49 6.08
CA ARG E 212 -40.55 -27.68 7.49
C ARG E 212 -40.36 -29.17 7.98
N GLY E 213 -39.26 -29.80 7.54
CA GLY E 213 -38.93 -31.18 7.90
C GLY E 213 -37.73 -31.73 7.15
#